data_4MJQ
#
_entry.id   4MJQ
#
_cell.length_a   40.993
_cell.length_b   65.512
_cell.length_c   73.438
_cell.angle_alpha   73.030
_cell.angle_beta   85.290
_cell.angle_gamma   85.650
#
_symmetry.space_group_name_H-M   'P 1'
#
loop_
_entity.id
_entity.type
_entity.pdbx_description
1 polymer 'DNA polymerase III subunit beta'
2 non-polymer '[2-amino-3-(4-bromobenzoyl)phenyl]acetic acid'
3 non-polymer 'TRIETHYLENE GLYCOL'
4 non-polymer 'CALCIUM ION'
5 non-polymer 'CHLORIDE ION'
6 non-polymer 1,2-ETHANEDIOL
7 non-polymer 'TETRAETHYLENE GLYCOL'
8 water water
#
_entity_poly.entity_id   1
_entity_poly.type   'polypeptide(L)'
_entity_poly.pdbx_seq_one_letter_code
;MKFTVEREHLLKPLQQVSGPLGGRPTLPILGNLLLQVADGTLSLTGTDLEMEMVARVALVQPHEPGATTVPARKFFDICR
GLPEGAEIAVQLEGERMLVRSGRSRFSLSTLPAADFPNLDDWQSEVEFTLPQATMKRLIEATQFSMAHQDVRYYLNGMLF
ETEGEELRTVATDGHRLAVCSMPIGQSLPSHSVIVPRKGVIELMRMLDGGDNPLRVQIGSNNIRAHVGDFIFTSKLVDGR
FPDYRRVLPKNPDKHLEAGCDLLKQAFARAAILSNEKFRGVRLYVSENQLKITANNPEQEEAEEILDVTYSGAEMEIGFN
VSYVLDVLNALKCENVRMMLTDSVSSVQIEDAASQSAAYVVMPMRL
;
_entity_poly.pdbx_strand_id   A,B
#
loop_
_chem_comp.id
_chem_comp.type
_chem_comp.name
_chem_comp.formula
27R non-polymer '[2-amino-3-(4-bromobenzoyl)phenyl]acetic acid' 'C15 H12 Br N O3'
CA non-polymer 'CALCIUM ION' 'Ca 2'
CL non-polymer 'CHLORIDE ION' 'Cl -1'
EDO non-polymer 1,2-ETHANEDIOL 'C2 H6 O2'
PG4 non-polymer 'TETRAETHYLENE GLYCOL' 'C8 H18 O5'
PGE non-polymer 'TRIETHYLENE GLYCOL' 'C6 H14 O4'
#
# COMPACT_ATOMS: atom_id res chain seq x y z
N MET A 1 4.81 -27.67 -29.70
CA MET A 1 4.69 -27.62 -28.22
C MET A 1 3.22 -27.55 -27.83
N LYS A 2 2.80 -28.41 -26.92
CA LYS A 2 1.42 -28.51 -26.51
C LYS A 2 1.37 -29.14 -25.14
N PHE A 3 0.53 -28.57 -24.27
CA PHE A 3 0.26 -29.18 -22.96
C PHE A 3 -1.12 -28.75 -22.47
N THR A 4 -1.67 -29.53 -21.55
CA THR A 4 -2.86 -29.11 -20.82
C THR A 4 -2.60 -29.36 -19.36
N VAL A 5 -2.86 -28.38 -18.50
CA VAL A 5 -2.57 -28.54 -17.07
C VAL A 5 -3.57 -27.75 -16.22
N GLU A 6 -3.74 -28.14 -14.97
CA GLU A 6 -4.57 -27.37 -14.07
C GLU A 6 -3.96 -26.01 -13.79
N ARG A 7 -4.78 -24.97 -13.90
CA ARG A 7 -4.45 -23.66 -13.40
C ARG A 7 -3.77 -23.73 -12.04
N GLU A 8 -4.31 -24.57 -11.15
CA GLU A 8 -3.80 -24.68 -9.77
C GLU A 8 -2.31 -25.02 -9.74
N HIS A 9 -1.86 -25.83 -10.69
CA HIS A 9 -0.46 -26.27 -10.72
C HIS A 9 0.47 -25.23 -11.33
N LEU A 10 -0.08 -24.25 -12.04
CA LEU A 10 0.71 -23.20 -12.67
C LEU A 10 0.95 -21.96 -11.84
N LEU A 11 0.08 -21.69 -10.87
CA LEU A 11 0.07 -20.39 -10.19
C LEU A 11 1.35 -20.10 -9.42
N LYS A 12 1.79 -21.05 -8.60
CA LYS A 12 3.03 -20.84 -7.83
C LYS A 12 4.25 -20.74 -8.76
N PRO A 13 4.41 -21.69 -9.70
CA PRO A 13 5.54 -21.54 -10.63
C PRO A 13 5.55 -20.21 -11.37
N LEU A 14 4.39 -19.77 -11.86
CA LEU A 14 4.32 -18.50 -12.57
C LEU A 14 4.68 -17.31 -11.71
N GLN A 15 4.22 -17.31 -10.46
CA GLN A 15 4.54 -16.24 -9.54
C GLN A 15 6.05 -16.13 -9.36
N GLN A 16 6.71 -17.26 -9.18
CA GLN A 16 8.16 -17.27 -8.92
C GLN A 16 9.00 -16.83 -10.12
N VAL A 17 8.64 -17.27 -11.32
CA VAL A 17 9.46 -16.94 -12.48
C VAL A 17 9.17 -15.54 -13.03
N SER A 18 8.05 -14.95 -12.63
CA SER A 18 7.63 -13.65 -13.17
C SER A 18 8.32 -12.47 -12.47
N GLY A 19 8.85 -12.68 -11.27
CA GLY A 19 9.66 -11.67 -10.60
C GLY A 19 10.88 -11.26 -11.42
N ARG A 24 8.95 -2.56 -16.69
CA ARG A 24 9.64 -2.33 -17.96
C ARG A 24 11.01 -3.03 -18.02
N PRO A 25 11.14 -4.05 -18.89
CA PRO A 25 12.43 -4.73 -19.10
C PRO A 25 13.35 -4.02 -20.09
N THR A 26 14.65 -4.09 -19.85
CA THR A 26 15.66 -3.42 -20.67
C THR A 26 15.81 -3.98 -22.09
N LEU A 27 15.18 -5.13 -22.34
CA LEU A 27 15.12 -5.71 -23.67
C LEU A 27 13.84 -6.57 -23.72
N PRO A 28 13.07 -6.50 -24.82
CA PRO A 28 11.76 -7.17 -24.84
C PRO A 28 11.75 -8.64 -24.41
N ILE A 29 12.74 -9.42 -24.84
CA ILE A 29 12.71 -10.86 -24.54
C ILE A 29 12.85 -11.11 -23.04
N LEU A 30 13.40 -10.16 -22.30
CA LEU A 30 13.52 -10.30 -20.84
C LEU A 30 12.17 -10.13 -20.12
N GLY A 31 11.16 -9.61 -20.82
CA GLY A 31 9.79 -9.58 -20.31
C GLY A 31 9.04 -10.86 -20.63
N ASN A 32 9.68 -11.82 -21.30
CA ASN A 32 9.05 -13.09 -21.64
C ASN A 32 9.51 -14.25 -20.77
N LEU A 33 8.65 -15.25 -20.66
CA LEU A 33 9.01 -16.52 -20.04
C LEU A 33 9.34 -17.52 -21.10
N LEU A 34 10.36 -18.31 -20.85
CA LEU A 34 10.67 -19.44 -21.69
C LEU A 34 9.86 -20.62 -21.21
N LEU A 35 9.03 -21.18 -22.08
CA LEU A 35 8.30 -22.42 -21.81
C LEU A 35 8.90 -23.58 -22.60
N GLN A 36 9.19 -24.67 -21.93
CA GLN A 36 9.79 -25.83 -22.58
C GLN A 36 9.07 -27.08 -22.13
N VAL A 37 8.61 -27.87 -23.08
CA VAL A 37 8.04 -29.19 -22.82
C VAL A 37 9.03 -30.25 -23.27
N ALA A 38 9.49 -31.07 -22.32
CA ALA A 38 10.42 -32.15 -22.66
C ALA A 38 10.25 -33.23 -21.63
N ASP A 39 10.32 -34.47 -22.10
CA ASP A 39 9.97 -35.61 -21.29
C ASP A 39 8.50 -35.39 -20.83
N GLY A 40 8.19 -35.55 -19.55
CA GLY A 40 6.86 -35.24 -19.07
C GLY A 40 6.85 -33.98 -18.23
N THR A 41 7.71 -33.03 -18.60
CA THR A 41 7.91 -31.84 -17.80
C THR A 41 7.72 -30.55 -18.58
N LEU A 42 7.00 -29.62 -17.98
CA LEU A 42 6.97 -28.25 -18.45
C LEU A 42 7.94 -27.46 -17.58
N SER A 43 8.92 -26.84 -18.20
CA SER A 43 9.81 -25.92 -17.49
C SER A 43 9.46 -24.48 -17.84
N LEU A 44 9.50 -23.60 -16.84
CA LEU A 44 9.25 -22.17 -17.04
C LEU A 44 10.45 -21.40 -16.55
N THR A 45 10.95 -20.48 -17.34
CA THR A 45 12.13 -19.73 -16.96
C THR A 45 11.93 -18.25 -17.16
N GLY A 46 12.27 -17.47 -16.13
CA GLY A 46 12.33 -16.01 -16.21
C GLY A 46 13.74 -15.53 -15.97
N THR A 47 14.12 -14.40 -16.57
CA THR A 47 15.49 -13.89 -16.41
C THR A 47 15.51 -12.38 -16.63
N ASP A 48 16.44 -11.70 -15.96
CA ASP A 48 16.68 -10.30 -16.25
C ASP A 48 18.15 -10.07 -16.68
N LEU A 49 18.80 -11.14 -17.11
CA LEU A 49 20.22 -11.20 -17.49
C LEU A 49 21.20 -11.31 -16.32
N GLU A 50 20.85 -10.76 -15.16
CA GLU A 50 21.69 -10.87 -13.97
CA GLU A 50 21.68 -10.86 -13.94
C GLU A 50 21.33 -12.12 -13.17
N MET A 51 20.07 -12.53 -13.25
CA MET A 51 19.59 -13.71 -12.53
C MET A 51 18.47 -14.39 -13.29
N GLU A 52 18.20 -15.62 -12.92
CA GLU A 52 17.12 -16.35 -13.54
C GLU A 52 16.48 -17.29 -12.54
N MET A 53 15.26 -17.67 -12.85
CA MET A 53 14.50 -18.59 -12.02
C MET A 53 13.85 -19.62 -12.93
N VAL A 54 14.03 -20.90 -12.60
CA VAL A 54 13.47 -21.98 -13.39
C VAL A 54 12.54 -22.80 -12.50
N ALA A 55 11.34 -23.09 -13.02
CA ALA A 55 10.37 -23.89 -12.31
C ALA A 55 9.91 -25.04 -13.19
N ARG A 56 9.59 -26.16 -12.56
CA ARG A 56 9.12 -27.32 -13.27
C ARG A 56 7.74 -27.75 -12.82
N VAL A 57 6.96 -28.22 -13.79
CA VAL A 57 5.60 -28.67 -13.59
C VAL A 57 5.47 -30.02 -14.32
N ALA A 58 4.97 -31.04 -13.62
CA ALA A 58 4.76 -32.34 -14.24
C ALA A 58 3.53 -32.34 -15.15
N LEU A 59 3.64 -33.00 -16.30
CA LEU A 59 2.55 -33.11 -17.26
C LEU A 59 2.07 -34.55 -17.33
N VAL A 60 0.78 -34.78 -17.11
CA VAL A 60 0.25 -36.14 -17.21
C VAL A 60 -0.73 -36.26 -18.38
N GLN A 61 -1.26 -35.13 -18.84
CA GLN A 61 -2.23 -35.11 -19.93
C GLN A 61 -1.39 -35.09 -21.22
N PRO A 62 -2.02 -35.38 -22.37
CA PRO A 62 -1.25 -35.41 -23.60
C PRO A 62 -0.45 -34.15 -23.78
N HIS A 63 0.79 -34.30 -24.23
CA HIS A 63 1.63 -33.15 -24.48
C HIS A 63 2.58 -33.44 -25.62
N GLU A 64 3.12 -32.37 -26.18
CA GLU A 64 4.07 -32.47 -27.29
C GLU A 64 5.26 -31.59 -26.97
N PRO A 65 6.47 -32.10 -27.20
CA PRO A 65 7.65 -31.30 -26.90
C PRO A 65 7.80 -30.04 -27.74
N GLY A 66 8.58 -29.11 -27.21
CA GLY A 66 8.96 -27.93 -27.93
C GLY A 66 9.11 -26.80 -26.96
N ALA A 67 9.41 -25.62 -27.50
CA ALA A 67 9.72 -24.48 -26.66
C ALA A 67 9.38 -23.19 -27.36
N THR A 68 8.95 -22.22 -26.58
CA THR A 68 8.69 -20.88 -27.10
C THR A 68 8.86 -19.90 -25.94
N THR A 69 8.75 -18.61 -26.21
CA THR A 69 8.68 -17.61 -25.13
C THR A 69 7.43 -16.74 -25.34
N VAL A 70 6.81 -16.32 -24.24
CA VAL A 70 5.61 -15.48 -24.24
C VAL A 70 5.69 -14.41 -23.16
N PRO A 71 4.95 -13.30 -23.33
CA PRO A 71 4.91 -12.26 -22.31
C PRO A 71 4.56 -12.80 -20.91
N ALA A 72 5.46 -12.57 -19.94
CA ALA A 72 5.34 -13.17 -18.61
C ALA A 72 4.13 -12.68 -17.85
N ARG A 73 3.99 -11.35 -17.73
CA ARG A 73 2.93 -10.75 -16.94
C ARG A 73 1.57 -11.06 -17.56
N LYS A 74 1.45 -10.93 -18.88
CA LYS A 74 0.18 -11.25 -19.53
C LYS A 74 -0.20 -12.71 -19.31
N PHE A 75 0.74 -13.63 -19.51
CA PHE A 75 0.44 -15.06 -19.35
C PHE A 75 0.03 -15.36 -17.91
N PHE A 76 0.76 -14.78 -16.95
CA PHE A 76 0.41 -14.93 -15.55
C PHE A 76 -0.98 -14.39 -15.23
N ASP A 77 -1.26 -13.17 -15.68
CA ASP A 77 -2.53 -12.54 -15.37
C ASP A 77 -3.69 -13.34 -15.98
N ILE A 78 -3.49 -13.86 -17.19
CA ILE A 78 -4.50 -14.72 -17.83
C ILE A 78 -4.77 -15.96 -16.96
N CYS A 79 -3.72 -16.68 -16.60
CA CYS A 79 -3.88 -17.90 -15.83
C CYS A 79 -4.54 -17.61 -14.48
N ARG A 80 -4.07 -16.56 -13.80
CA ARG A 80 -4.58 -16.17 -12.50
C ARG A 80 -6.03 -15.72 -12.57
N GLY A 81 -6.38 -15.06 -13.68
CA GLY A 81 -7.73 -14.53 -13.87
C GLY A 81 -8.78 -15.56 -14.25
N LEU A 82 -8.35 -16.76 -14.69
CA LEU A 82 -9.27 -17.85 -14.94
C LEU A 82 -9.83 -18.37 -13.61
N PRO A 83 -11.00 -19.03 -13.66
CA PRO A 83 -11.63 -19.44 -12.41
C PRO A 83 -10.93 -20.61 -11.74
N GLU A 84 -11.10 -20.68 -10.42
CA GLU A 84 -10.55 -21.81 -9.69
CA GLU A 84 -10.63 -21.81 -9.63
C GLU A 84 -11.04 -23.12 -10.29
N GLY A 85 -10.14 -24.09 -10.36
CA GLY A 85 -10.44 -25.38 -10.96
C GLY A 85 -10.26 -25.45 -12.47
N ALA A 86 -9.95 -24.32 -13.11
CA ALA A 86 -9.79 -24.29 -14.58
C ALA A 86 -8.68 -25.22 -15.06
N GLU A 87 -8.93 -25.84 -16.22
CA GLU A 87 -7.89 -26.55 -16.96
C GLU A 87 -7.41 -25.64 -18.07
N ILE A 88 -6.11 -25.56 -18.28
CA ILE A 88 -5.55 -24.64 -19.28
C ILE A 88 -4.84 -25.44 -20.33
N ALA A 89 -5.33 -25.31 -21.56
CA ALA A 89 -4.71 -25.93 -22.73
C ALA A 89 -3.89 -24.88 -23.48
N VAL A 90 -2.67 -25.26 -23.82
CA VAL A 90 -1.72 -24.37 -24.46
C VAL A 90 -1.11 -25.06 -25.67
N GLN A 91 -1.02 -24.35 -26.79
CA GLN A 91 -0.34 -24.89 -27.96
CA GLN A 91 -0.34 -24.89 -27.99
C GLN A 91 0.29 -23.77 -28.78
N LEU A 92 1.52 -24.01 -29.22
CA LEU A 92 2.24 -23.09 -30.08
C LEU A 92 1.69 -23.25 -31.49
N GLU A 93 1.33 -22.13 -32.12
CA GLU A 93 0.83 -22.09 -33.48
C GLU A 93 1.53 -21.00 -34.27
N GLY A 94 2.72 -21.34 -34.76
CA GLY A 94 3.55 -20.40 -35.50
C GLY A 94 3.98 -19.25 -34.65
N GLU A 95 3.52 -18.05 -35.00
CA GLU A 95 3.94 -16.83 -34.30
C GLU A 95 3.11 -16.53 -33.06
N ARG A 96 2.10 -17.34 -32.79
CA ARG A 96 1.29 -17.13 -31.60
C ARG A 96 1.24 -18.36 -30.71
N MET A 97 0.95 -18.12 -29.43
CA MET A 97 0.66 -19.20 -28.52
C MET A 97 -0.79 -19.09 -28.11
N LEU A 98 -1.56 -20.13 -28.41
CA LEU A 98 -2.98 -20.16 -28.10
C LEU A 98 -3.21 -20.80 -26.72
N VAL A 99 -3.93 -20.08 -25.86
CA VAL A 99 -4.28 -20.53 -24.55
C VAL A 99 -5.81 -20.64 -24.50
N ARG A 100 -6.30 -21.82 -24.11
CA ARG A 100 -7.74 -22.05 -24.05
C ARG A 100 -8.16 -22.61 -22.72
N SER A 101 -9.27 -22.14 -22.19
CA SER A 101 -9.86 -22.70 -20.98
C SER A 101 -11.33 -22.36 -20.99
N GLY A 102 -12.18 -23.35 -20.82
CA GLY A 102 -13.62 -23.14 -20.99
C GLY A 102 -13.90 -22.51 -22.33
N ARG A 103 -14.68 -21.42 -22.34
CA ARG A 103 -14.93 -20.64 -23.54
C ARG A 103 -14.15 -19.32 -23.50
N SER A 104 -12.98 -19.38 -22.88
CA SER A 104 -12.01 -18.27 -22.93
C SER A 104 -10.87 -18.68 -23.84
N ARG A 105 -10.44 -17.74 -24.69
CA ARG A 105 -9.35 -17.96 -25.63
C ARG A 105 -8.43 -16.76 -25.64
N PHE A 106 -7.13 -17.04 -25.68
CA PHE A 106 -6.13 -15.98 -25.69
C PHE A 106 -5.06 -16.34 -26.70
N SER A 107 -4.72 -15.39 -27.54
CA SER A 107 -3.63 -15.54 -28.49
C SER A 107 -2.52 -14.56 -28.12
N LEU A 108 -1.37 -15.09 -27.69
CA LEU A 108 -0.25 -14.29 -27.22
C LEU A 108 0.87 -14.28 -28.23
N SER A 109 1.57 -13.16 -28.33
CA SER A 109 2.71 -13.06 -29.23
C SER A 109 3.85 -13.89 -28.65
N THR A 110 4.73 -14.37 -29.53
CA THR A 110 5.90 -15.15 -29.10
C THR A 110 7.20 -14.52 -29.56
N LEU A 111 8.29 -14.92 -28.91
CA LEU A 111 9.64 -14.70 -29.43
C LEU A 111 10.33 -16.05 -29.38
N PRO A 112 11.22 -16.33 -30.34
CA PRO A 112 11.85 -17.64 -30.47
C PRO A 112 12.60 -18.08 -29.23
N ALA A 113 12.45 -19.35 -28.89
CA ALA A 113 13.13 -19.91 -27.73
C ALA A 113 14.65 -19.74 -27.90
N ALA A 114 15.12 -19.83 -29.13
CA ALA A 114 16.53 -19.57 -29.48
C ALA A 114 17.06 -18.22 -29.00
N ASP A 115 16.21 -17.20 -28.99
CA ASP A 115 16.59 -15.86 -28.51
C ASP A 115 16.74 -15.76 -27.00
N PHE A 116 16.16 -16.70 -26.26
CA PHE A 116 16.09 -16.55 -24.83
C PHE A 116 17.48 -16.65 -24.18
N PRO A 117 17.88 -15.62 -23.43
CA PRO A 117 19.25 -15.56 -22.88
C PRO A 117 19.46 -16.55 -21.73
N ASN A 118 20.66 -17.11 -21.69
CA ASN A 118 21.06 -18.05 -20.65
C ASN A 118 22.27 -17.43 -20.00
N LEU A 119 22.46 -17.73 -18.72
CA LEU A 119 23.69 -17.33 -18.04
C LEU A 119 24.83 -18.11 -18.66
N ASP A 120 25.97 -17.44 -18.89
CA ASP A 120 27.17 -18.14 -19.35
C ASP A 120 27.40 -19.29 -18.38
N ASP A 121 27.66 -20.47 -18.90
CA ASP A 121 27.81 -21.66 -18.07
C ASP A 121 28.95 -21.44 -17.10
N TRP A 122 28.93 -22.19 -16.01
CA TRP A 122 29.81 -21.92 -14.90
C TRP A 122 29.95 -23.18 -14.07
N GLN A 123 30.83 -23.15 -13.07
CA GLN A 123 31.18 -24.34 -12.28
C GLN A 123 31.01 -24.06 -10.79
N SER A 124 30.44 -25.04 -10.09
CA SER A 124 30.24 -24.94 -8.66
C SER A 124 31.55 -25.25 -7.96
N GLU A 125 31.91 -24.42 -6.98
CA GLU A 125 33.16 -24.55 -6.22
C GLU A 125 32.91 -24.84 -4.73
N VAL A 126 31.75 -24.41 -4.22
CA VAL A 126 31.40 -24.51 -2.82
C VAL A 126 29.93 -24.89 -2.72
N GLU A 127 29.62 -25.94 -1.96
CA GLU A 127 28.25 -26.44 -1.82
C GLU A 127 27.86 -26.83 -0.39
N PHE A 128 26.60 -26.56 -0.05
CA PHE A 128 26.06 -26.90 1.24
C PHE A 128 24.55 -26.81 1.25
N THR A 129 23.97 -27.37 2.30
CA THR A 129 22.54 -27.31 2.48
C THR A 129 22.28 -26.64 3.81
N LEU A 130 21.12 -26.00 3.92
CA LEU A 130 20.68 -25.43 5.18
C LEU A 130 19.17 -25.27 5.20
N PRO A 131 18.60 -25.19 6.40
CA PRO A 131 17.16 -25.00 6.50
C PRO A 131 16.70 -23.67 5.93
N GLN A 132 15.53 -23.65 5.33
CA GLN A 132 14.95 -22.41 4.84
C GLN A 132 14.87 -21.37 5.94
N ALA A 133 14.45 -21.77 7.13
CA ALA A 133 14.34 -20.83 8.26
C ALA A 133 15.66 -20.14 8.58
N THR A 134 16.75 -20.88 8.39
CA THR A 134 18.08 -20.35 8.66
C THR A 134 18.49 -19.30 7.63
N MET A 135 18.32 -19.62 6.36
CA MET A 135 18.56 -18.66 5.30
C MET A 135 17.70 -17.41 5.51
N LYS A 136 16.43 -17.59 5.91
CA LYS A 136 15.55 -16.45 6.13
C LYS A 136 16.04 -15.55 7.26
N ARG A 137 16.42 -16.16 8.37
CA ARG A 137 16.96 -15.45 9.50
C ARG A 137 18.20 -14.64 9.09
N LEU A 138 19.13 -15.28 8.38
CA LEU A 138 20.35 -14.64 7.93
C LEU A 138 20.10 -13.44 7.07
N ILE A 139 19.19 -13.56 6.12
CA ILE A 139 18.91 -12.44 5.23
C ILE A 139 18.17 -11.31 5.96
N GLU A 140 17.11 -11.66 6.68
CA GLU A 140 16.33 -10.65 7.41
C GLU A 140 17.15 -9.89 8.43
N ALA A 141 18.13 -10.55 9.02
CA ALA A 141 18.98 -9.94 10.03
C ALA A 141 19.80 -8.77 9.48
N THR A 142 20.06 -8.75 8.18
CA THR A 142 21.05 -7.82 7.63
C THR A 142 20.58 -7.01 6.41
N GLN A 143 19.53 -7.49 5.74
CA GLN A 143 19.10 -6.93 4.45
C GLN A 143 18.94 -5.41 4.46
N PHE A 144 18.36 -4.88 5.54
CA PHE A 144 18.07 -3.45 5.66
C PHE A 144 19.33 -2.57 5.64
N SER A 145 20.49 -3.14 5.97
CA SER A 145 21.74 -2.35 5.96
C SER A 145 22.46 -2.30 4.61
N MET A 146 21.92 -2.96 3.58
CA MET A 146 22.53 -2.88 2.24
C MET A 146 22.43 -1.45 1.70
N ALA A 147 23.43 -1.00 0.94
CA ALA A 147 23.31 0.30 0.26
C ALA A 147 22.24 0.26 -0.82
N HIS A 148 21.72 1.44 -1.17
CA HIS A 148 20.85 1.62 -2.32
C HIS A 148 21.48 2.59 -3.32
N GLN A 149 21.83 2.06 -4.49
CA GLN A 149 22.32 2.84 -5.62
C GLN A 149 23.60 3.60 -5.26
N ASP A 150 24.43 2.99 -4.41
CA ASP A 150 25.76 3.54 -4.13
C ASP A 150 26.66 3.33 -5.34
N VAL A 151 27.53 4.30 -5.60
CA VAL A 151 28.46 4.19 -6.73
CA VAL A 151 28.48 4.21 -6.71
C VAL A 151 29.47 3.07 -6.48
N ARG A 152 29.66 2.71 -5.21
CA ARG A 152 30.47 1.56 -4.83
C ARG A 152 29.51 0.38 -4.92
N TYR A 153 29.44 -0.19 -6.12
CA TYR A 153 28.47 -1.23 -6.47
CA TYR A 153 28.46 -1.23 -6.46
C TYR A 153 28.46 -2.41 -5.51
N TYR A 154 29.64 -2.76 -4.99
CA TYR A 154 29.77 -3.90 -4.10
C TYR A 154 28.98 -3.73 -2.78
N LEU A 155 28.62 -2.49 -2.41
CA LEU A 155 27.81 -2.25 -1.22
C LEU A 155 26.32 -2.42 -1.46
N ASN A 156 25.90 -2.46 -2.71
CA ASN A 156 24.49 -2.61 -3.04
C ASN A 156 23.99 -4.04 -2.83
N GLY A 157 24.88 -4.99 -2.60
CA GLY A 157 24.48 -6.36 -2.35
C GLY A 157 24.77 -6.81 -0.92
N MET A 158 24.87 -8.11 -0.74
CA MET A 158 25.03 -8.70 0.57
C MET A 158 26.13 -9.72 0.50
N LEU A 159 27.08 -9.67 1.42
CA LEU A 159 28.12 -10.66 1.51
C LEU A 159 27.55 -11.95 2.07
N PHE A 160 27.82 -13.05 1.38
CA PHE A 160 27.61 -14.40 1.94
C PHE A 160 28.97 -15.04 2.16
N GLU A 161 29.26 -15.40 3.41
CA GLU A 161 30.57 -15.90 3.81
C GLU A 161 30.41 -17.24 4.53
N THR A 162 31.24 -18.20 4.13
CA THR A 162 31.33 -19.47 4.83
C THR A 162 32.61 -19.46 5.63
N GLU A 163 32.52 -19.90 6.87
CA GLU A 163 33.69 -20.00 7.75
C GLU A 163 33.41 -21.02 8.86
N GLY A 164 34.29 -22.01 8.98
CA GLY A 164 34.09 -23.10 9.94
C GLY A 164 32.87 -23.90 9.52
N GLU A 165 31.88 -23.95 10.40
CA GLU A 165 30.59 -24.56 10.09
C GLU A 165 29.49 -23.51 9.95
N GLU A 166 29.87 -22.24 9.79
CA GLU A 166 28.88 -21.17 9.76
C GLU A 166 28.70 -20.55 8.38
N LEU A 167 27.45 -20.21 8.07
CA LEU A 167 27.14 -19.26 6.99
C LEU A 167 26.85 -17.91 7.67
N ARG A 168 27.39 -16.86 7.07
CA ARG A 168 27.32 -15.52 7.58
C ARG A 168 26.88 -14.59 6.47
N THR A 169 26.04 -13.63 6.83
CA THR A 169 25.75 -12.53 5.94
C THR A 169 26.24 -11.24 6.55
N VAL A 170 26.70 -10.33 5.69
CA VAL A 170 27.10 -8.99 6.11
C VAL A 170 26.50 -8.00 5.13
N ALA A 171 26.03 -6.87 5.63
CA ALA A 171 25.59 -5.80 4.77
C ALA A 171 25.95 -4.48 5.39
N THR A 172 26.29 -3.51 4.55
CA THR A 172 26.61 -2.17 5.03
C THR A 172 26.43 -1.14 3.93
N ASP A 173 26.12 0.09 4.34
CA ASP A 173 26.03 1.21 3.44
C ASP A 173 27.08 2.28 3.76
N GLY A 174 28.06 1.95 4.61
CA GLY A 174 29.12 2.89 5.00
C GLY A 174 28.85 3.64 6.29
N HIS A 175 27.59 3.67 6.73
CA HIS A 175 27.21 4.33 7.97
C HIS A 175 26.74 3.40 9.05
N ARG A 176 26.20 2.26 8.62
CA ARG A 176 25.79 1.20 9.53
C ARG A 176 26.02 -0.14 8.85
N LEU A 177 26.27 -1.13 9.68
CA LEU A 177 26.65 -2.46 9.23
C LEU A 177 25.87 -3.45 10.05
N ALA A 178 25.52 -4.56 9.40
CA ALA A 178 24.82 -5.67 10.03
C ALA A 178 25.58 -6.93 9.68
N VAL A 179 25.75 -7.79 10.68
CA VAL A 179 26.37 -9.11 10.48
C VAL A 179 25.64 -10.20 11.26
N CYS A 180 25.36 -11.32 10.60
CA CYS A 180 24.68 -12.42 11.24
C CYS A 180 25.29 -13.74 10.82
N SER A 181 25.56 -14.62 11.79
CA SER A 181 26.22 -15.90 11.53
C SER A 181 25.39 -17.02 12.13
N MET A 182 25.26 -18.12 11.40
CA MET A 182 24.49 -19.29 11.85
C MET A 182 25.20 -20.58 11.52
N PRO A 183 25.23 -21.53 12.48
CA PRO A 183 25.87 -22.82 12.23
C PRO A 183 24.99 -23.69 11.34
N ILE A 184 25.61 -24.42 10.42
CA ILE A 184 24.82 -25.32 9.57
C ILE A 184 25.26 -26.79 9.61
N GLY A 185 26.14 -27.12 10.56
CA GLY A 185 26.49 -28.53 10.81
C GLY A 185 27.27 -29.20 9.70
N GLN A 186 27.96 -28.41 8.89
CA GLN A 186 28.84 -28.93 7.84
C GLN A 186 30.14 -28.15 7.90
N SER A 187 31.27 -28.84 7.77
CA SER A 187 32.57 -28.18 7.73
C SER A 187 32.79 -27.56 6.35
N LEU A 188 32.93 -26.24 6.31
CA LEU A 188 32.95 -25.49 5.08
C LEU A 188 34.32 -24.89 4.77
N PRO A 189 34.66 -24.78 3.49
CA PRO A 189 35.83 -23.99 3.16
C PRO A 189 35.55 -22.52 3.47
N SER A 190 36.58 -21.75 3.76
CA SER A 190 36.41 -20.32 3.97
C SER A 190 36.26 -19.65 2.62
N HIS A 191 35.15 -18.93 2.43
CA HIS A 191 34.80 -18.37 1.13
C HIS A 191 33.86 -17.17 1.30
N SER A 192 33.95 -16.17 0.44
CA SER A 192 33.14 -14.95 0.53
CA SER A 192 32.99 -15.08 0.50
C SER A 192 32.71 -14.48 -0.87
N VAL A 193 31.43 -14.19 -1.06
CA VAL A 193 30.94 -13.62 -2.32
C VAL A 193 29.85 -12.60 -2.01
N ILE A 194 29.61 -11.72 -2.98
CA ILE A 194 28.61 -10.67 -2.86
C ILE A 194 27.46 -10.98 -3.79
N VAL A 195 26.26 -11.10 -3.23
CA VAL A 195 25.04 -11.35 -3.99
C VAL A 195 24.38 -10.00 -4.22
N PRO A 196 23.97 -9.71 -5.48
CA PRO A 196 23.33 -8.40 -5.74
C PRO A 196 22.01 -8.27 -5.04
N ARG A 197 21.63 -7.03 -4.72
CA ARG A 197 20.43 -6.83 -3.91
C ARG A 197 19.15 -7.44 -4.51
N LYS A 198 18.98 -7.41 -5.83
CA LYS A 198 17.79 -8.04 -6.43
C LYS A 198 17.83 -9.55 -6.25
N GLY A 199 19.04 -10.11 -6.26
CA GLY A 199 19.24 -11.52 -5.98
C GLY A 199 18.87 -11.91 -4.56
N VAL A 200 19.20 -11.04 -3.61
CA VAL A 200 18.84 -11.29 -2.23
C VAL A 200 17.32 -11.33 -2.09
N ILE A 201 16.66 -10.40 -2.74
CA ILE A 201 15.21 -10.29 -2.70
C ILE A 201 14.58 -11.53 -3.30
N GLU A 202 15.06 -11.91 -4.48
CA GLU A 202 14.54 -13.08 -5.19
CA GLU A 202 14.48 -13.05 -5.18
C GLU A 202 14.71 -14.33 -4.37
N LEU A 203 15.89 -14.47 -3.77
CA LEU A 203 16.19 -15.60 -2.91
C LEU A 203 15.24 -15.68 -1.70
N MET A 204 15.00 -14.54 -1.05
CA MET A 204 14.00 -14.50 0.02
C MET A 204 12.61 -14.94 -0.42
N ARG A 205 12.23 -14.53 -1.64
CA ARG A 205 10.89 -14.84 -2.15
C ARG A 205 10.64 -16.32 -2.38
N MET A 206 11.70 -17.11 -2.55
CA MET A 206 11.52 -18.52 -2.83
C MET A 206 11.45 -19.38 -1.56
N LEU A 207 11.61 -18.73 -0.40
CA LEU A 207 11.50 -19.40 0.88
C LEU A 207 10.05 -19.34 1.35
N ASP A 208 9.49 -20.50 1.70
CA ASP A 208 8.10 -20.55 2.21
C ASP A 208 8.00 -20.98 3.67
N GLY A 209 8.96 -21.76 4.17
CA GLY A 209 9.00 -22.17 5.56
C GLY A 209 8.59 -23.62 5.79
N GLY A 210 9.23 -24.53 5.05
CA GLY A 210 9.10 -25.96 5.31
C GLY A 210 10.42 -26.47 5.86
N ASP A 211 10.43 -27.72 6.33
CA ASP A 211 11.66 -28.34 6.87
C ASP A 211 12.51 -28.94 5.74
N ASN A 212 11.95 -28.85 4.55
CA ASN A 212 12.62 -29.05 3.27
C ASN A 212 13.81 -28.08 3.09
N PRO A 213 15.06 -28.57 3.15
CA PRO A 213 16.18 -27.62 3.15
C PRO A 213 16.49 -27.01 1.78
N LEU A 214 17.20 -25.89 1.83
CA LEU A 214 17.71 -25.21 0.65
C LEU A 214 19.08 -25.82 0.29
N ARG A 215 19.33 -26.06 -0.99
CA ARG A 215 20.63 -26.52 -1.48
C ARG A 215 21.33 -25.38 -2.23
N VAL A 216 22.49 -24.98 -1.74
CA VAL A 216 23.22 -23.84 -2.29
C VAL A 216 24.51 -24.28 -3.00
N GLN A 217 24.76 -23.71 -4.17
CA GLN A 217 26.01 -23.94 -4.88
C GLN A 217 26.60 -22.57 -5.23
N ILE A 218 27.88 -22.39 -4.97
CA ILE A 218 28.55 -21.11 -5.21
C ILE A 218 29.74 -21.32 -6.14
N GLY A 219 29.79 -20.51 -7.20
CA GLY A 219 30.88 -20.51 -8.16
C GLY A 219 31.68 -19.23 -8.03
N SER A 220 32.68 -19.07 -8.89
CA SER A 220 33.52 -17.86 -8.86
C SER A 220 32.71 -16.60 -9.15
N ASN A 221 31.69 -16.70 -9.98
CA ASN A 221 30.91 -15.55 -10.41
C ASN A 221 29.39 -15.79 -10.39
N ASN A 222 28.96 -16.84 -9.70
CA ASN A 222 27.53 -17.19 -9.64
C ASN A 222 27.16 -17.82 -8.32
N ILE A 223 25.88 -17.71 -7.96
CA ILE A 223 25.31 -18.48 -6.84
C ILE A 223 24.02 -19.13 -7.33
N ARG A 224 23.77 -20.37 -6.89
CA ARG A 224 22.55 -21.07 -7.25
C ARG A 224 21.93 -21.60 -5.97
N ALA A 225 20.60 -21.58 -5.93
CA ALA A 225 19.85 -22.16 -4.84
C ALA A 225 18.72 -23.03 -5.39
N HIS A 226 18.59 -24.24 -4.85
CA HIS A 226 17.54 -25.17 -5.22
C HIS A 226 16.64 -25.35 -4.02
N VAL A 227 15.34 -25.13 -4.18
CA VAL A 227 14.38 -25.68 -3.20
C VAL A 227 13.09 -26.07 -3.90
N GLY A 228 12.51 -27.17 -3.44
CA GLY A 228 11.37 -27.76 -4.11
C GLY A 228 11.73 -27.94 -5.57
N ASP A 229 10.84 -27.53 -6.46
CA ASP A 229 11.12 -27.68 -7.89
C ASP A 229 11.47 -26.35 -8.54
N PHE A 230 12.15 -25.49 -7.78
CA PHE A 230 12.62 -24.20 -8.25
C PHE A 230 14.13 -24.15 -8.18
N ILE A 231 14.74 -23.53 -9.18
CA ILE A 231 16.17 -23.32 -9.18
C ILE A 231 16.40 -21.86 -9.52
N PHE A 232 17.06 -21.17 -8.59
CA PHE A 232 17.40 -19.77 -8.74
C PHE A 232 18.90 -19.64 -8.99
N THR A 233 19.28 -18.85 -9.99
CA THR A 233 20.71 -18.57 -10.22
C THR A 233 20.95 -17.08 -10.40
N SER A 234 21.98 -16.55 -9.77
CA SER A 234 22.33 -15.13 -9.93
C SER A 234 23.82 -14.98 -10.20
N LYS A 235 24.15 -13.95 -10.96
CA LYS A 235 25.54 -13.49 -11.02
C LYS A 235 25.91 -12.90 -9.68
N LEU A 236 27.21 -12.89 -9.39
CA LEU A 236 27.73 -12.24 -8.20
C LEU A 236 28.25 -10.86 -8.56
N VAL A 237 28.54 -10.06 -7.55
CA VAL A 237 29.02 -8.69 -7.75
C VAL A 237 30.53 -8.68 -7.53
N ASP A 238 31.26 -8.05 -8.43
CA ASP A 238 32.71 -7.87 -8.23
C ASP A 238 33.05 -6.86 -7.14
N GLY A 239 34.25 -6.96 -6.63
CA GLY A 239 34.74 -5.96 -5.69
C GLY A 239 35.12 -6.58 -4.37
N ARG A 240 35.77 -5.78 -3.55
CA ARG A 240 36.27 -6.18 -2.24
C ARG A 240 35.33 -5.62 -1.18
N PHE A 241 34.54 -6.49 -0.58
CA PHE A 241 33.60 -6.07 0.42
C PHE A 241 34.36 -5.73 1.70
N PRO A 242 33.88 -4.74 2.46
CA PRO A 242 34.45 -4.42 3.76
C PRO A 242 34.52 -5.63 4.70
N ASP A 243 35.53 -5.65 5.57
CA ASP A 243 35.73 -6.71 6.54
C ASP A 243 35.09 -6.30 7.86
N TYR A 244 33.96 -6.94 8.19
CA TYR A 244 33.22 -6.61 9.41
C TYR A 244 34.08 -6.71 10.66
N ARG A 245 35.08 -7.59 10.63
CA ARG A 245 35.95 -7.78 11.79
C ARG A 245 36.69 -6.49 12.16
N ARG A 246 36.94 -5.63 11.17
CA ARG A 246 37.65 -4.38 11.40
C ARG A 246 36.70 -3.23 11.70
N VAL A 247 35.39 -3.46 11.47
CA VAL A 247 34.36 -2.47 11.73
C VAL A 247 33.89 -2.55 13.18
N LEU A 248 33.86 -3.77 13.73
CA LEU A 248 33.44 -3.95 15.12
C LEU A 248 34.32 -3.07 16.01
N PRO A 249 33.71 -2.29 16.92
CA PRO A 249 34.51 -1.48 17.84
C PRO A 249 35.51 -2.33 18.62
N LYS A 250 36.73 -1.86 18.78
CA LYS A 250 37.79 -2.65 19.38
C LYS A 250 37.57 -2.89 20.86
N ASN A 251 37.20 -1.84 21.59
CA ASN A 251 36.98 -1.93 23.02
C ASN A 251 35.76 -1.14 23.46
N PRO A 252 34.57 -1.65 23.12
CA PRO A 252 33.35 -0.94 23.46
C PRO A 252 32.97 -1.19 24.92
N ASP A 253 33.74 -0.56 25.81
CA ASP A 253 33.78 -0.87 27.24
C ASP A 253 32.54 -0.50 28.05
N LYS A 254 31.73 0.41 27.52
CA LYS A 254 30.56 0.90 28.23
C LYS A 254 29.32 0.14 27.76
N HIS A 255 28.80 -0.74 28.59
CA HIS A 255 27.68 -1.59 28.20
C HIS A 255 26.36 -1.22 28.82
N LEU A 256 25.37 -0.99 27.97
CA LEU A 256 24.09 -0.58 28.43
C LEU A 256 23.03 -1.62 28.02
N GLU A 257 22.14 -1.98 28.92
CA GLU A 257 21.07 -2.90 28.57
C GLU A 257 19.70 -2.21 28.73
N ALA A 258 18.88 -2.30 27.71
CA ALA A 258 17.54 -1.71 27.73
C ALA A 258 16.51 -2.66 27.20
N GLY A 259 15.26 -2.47 27.60
CA GLY A 259 14.13 -3.17 26.98
C GLY A 259 13.99 -2.73 25.53
N CYS A 260 13.86 -3.69 24.63
CA CYS A 260 13.82 -3.37 23.20
CA CYS A 260 13.80 -3.48 23.18
C CYS A 260 12.63 -2.55 22.81
N ASP A 261 11.44 -2.90 23.28
CA ASP A 261 10.20 -2.17 22.94
CA ASP A 261 10.27 -2.16 22.85
C ASP A 261 10.24 -0.77 23.49
N LEU A 262 10.63 -0.67 24.76
CA LEU A 262 10.68 0.65 25.40
C LEU A 262 11.67 1.56 24.68
N LEU A 263 12.83 1.03 24.33
CA LEU A 263 13.80 1.83 23.60
C LEU A 263 13.26 2.28 22.24
N LYS A 264 12.63 1.36 21.51
CA LYS A 264 12.05 1.64 20.22
C LYS A 264 11.02 2.77 20.28
N GLN A 265 10.07 2.66 21.21
CA GLN A 265 9.02 3.66 21.31
C GLN A 265 9.54 5.02 21.80
N ALA A 266 10.54 5.02 22.66
CA ALA A 266 11.17 6.26 23.06
C ALA A 266 11.85 6.92 21.84
N PHE A 267 12.53 6.13 21.03
CA PHE A 267 13.13 6.66 19.79
C PHE A 267 12.05 7.20 18.86
N ALA A 268 10.99 6.42 18.67
CA ALA A 268 9.93 6.83 17.73
C ALA A 268 9.22 8.10 18.14
N ARG A 269 8.88 8.23 19.43
CA ARG A 269 8.23 9.43 19.93
C ARG A 269 9.15 10.65 19.85
N ALA A 270 10.39 10.52 20.33
CA ALA A 270 11.29 11.66 20.35
C ALA A 270 11.53 12.15 18.92
N ALA A 271 11.58 11.22 17.98
CA ALA A 271 11.88 11.52 16.56
C ALA A 271 10.84 12.46 15.94
N ILE A 272 9.63 12.50 16.52
CA ILE A 272 8.56 13.37 16.02
C ILE A 272 8.97 14.83 16.00
N LEU A 273 9.79 15.24 16.97
CA LEU A 273 10.24 16.61 17.11
C LEU A 273 11.73 16.76 16.75
N SER A 274 12.22 15.81 15.95
CA SER A 274 13.57 15.95 15.36
C SER A 274 13.52 16.72 14.05
N ASN A 275 14.68 17.07 13.51
CA ASN A 275 14.71 17.72 12.20
C ASN A 275 14.24 16.76 11.11
N GLU A 276 13.20 17.17 10.37
CA GLU A 276 12.56 16.33 9.34
C GLU A 276 13.52 15.90 8.25
N LYS A 277 14.49 16.76 7.95
CA LYS A 277 15.43 16.50 6.86
C LYS A 277 16.48 15.49 7.28
N PHE A 278 16.93 15.57 8.53
CA PHE A 278 17.95 14.67 9.08
C PHE A 278 17.58 14.29 10.53
N ARG A 279 16.81 13.20 10.68
CA ARG A 279 16.15 12.88 11.95
C ARG A 279 17.11 12.14 12.85
N GLY A 280 17.49 12.79 13.93
CA GLY A 280 18.36 12.18 14.92
C GLY A 280 17.94 12.60 16.32
N VAL A 281 18.48 11.89 17.31
CA VAL A 281 18.21 12.15 18.70
C VAL A 281 19.51 12.10 19.48
N ARG A 282 19.57 12.81 20.60
CA ARG A 282 20.72 12.80 21.49
C ARG A 282 20.43 11.88 22.66
N LEU A 283 21.38 10.99 22.96
CA LEU A 283 21.31 10.10 24.13
C LEU A 283 22.24 10.58 25.22
N TYR A 284 21.69 10.78 26.42
CA TYR A 284 22.54 11.00 27.57
C TYR A 284 22.49 9.77 28.44
N VAL A 285 23.65 9.15 28.59
CA VAL A 285 23.79 7.92 29.31
C VAL A 285 24.30 8.25 30.71
N SER A 286 23.61 7.78 31.73
CA SER A 286 24.05 7.95 33.11
C SER A 286 23.70 6.70 33.90
N GLU A 287 24.04 6.67 35.19
CA GLU A 287 23.85 5.44 35.95
C GLU A 287 22.40 4.93 35.89
N ASN A 288 22.24 3.73 35.35
CA ASN A 288 20.94 3.11 35.13
C ASN A 288 19.87 4.01 34.51
N GLN A 289 20.30 4.97 33.70
CA GLN A 289 19.34 5.86 33.04
C GLN A 289 19.76 6.30 31.66
N LEU A 290 18.79 6.36 30.76
CA LEU A 290 19.00 6.89 29.45
C LEU A 290 18.01 8.01 29.22
N LYS A 291 18.50 9.17 28.81
CA LYS A 291 17.65 10.27 28.38
C LYS A 291 17.82 10.42 26.88
N ILE A 292 16.69 10.52 26.17
CA ILE A 292 16.68 10.69 24.72
C ILE A 292 15.98 12.02 24.39
N THR A 293 16.67 12.89 23.66
CA THR A 293 16.11 14.21 23.36
CA THR A 293 16.15 14.24 23.38
C THR A 293 16.17 14.50 21.87
N ALA A 294 15.18 15.24 21.41
CA ALA A 294 15.13 15.70 20.03
C ALA A 294 14.73 17.16 19.99
N ASN A 295 15.26 17.86 19.00
CA ASN A 295 14.98 19.30 18.77
C ASN A 295 14.84 19.57 17.27
N ASN A 296 14.07 20.60 16.91
CA ASN A 296 13.86 20.94 15.48
C ASN A 296 13.99 22.44 15.23
N PRO A 297 13.90 22.86 13.95
CA PRO A 297 14.05 24.30 13.65
C PRO A 297 12.99 25.18 14.30
N GLU A 298 11.82 24.61 14.61
CA GLU A 298 10.73 25.34 15.27
C GLU A 298 10.97 25.51 16.79
N GLN A 299 12.13 25.05 17.28
CA GLN A 299 12.48 25.10 18.71
C GLN A 299 11.56 24.21 19.54
N GLU A 300 10.87 23.28 18.90
CA GLU A 300 10.13 22.26 19.64
C GLU A 300 11.13 21.25 20.16
N GLU A 301 10.76 20.56 21.25
CA GLU A 301 11.63 19.66 22.01
CA GLU A 301 11.64 19.59 21.88
C GLU A 301 10.88 18.43 22.50
N ALA A 302 11.47 17.24 22.34
CA ALA A 302 10.98 16.01 22.98
C ALA A 302 12.05 15.51 23.95
N GLU A 303 11.61 14.95 25.07
CA GLU A 303 12.49 14.27 26.01
C GLU A 303 11.85 12.95 26.49
N GLU A 304 12.64 11.88 26.48
CA GLU A 304 12.23 10.60 27.00
C GLU A 304 13.23 10.13 28.02
N ILE A 305 12.77 9.72 29.20
CA ILE A 305 13.63 9.08 30.19
C ILE A 305 13.27 7.60 30.32
N LEU A 306 14.30 6.77 30.29
CA LEU A 306 14.17 5.32 30.44
C LEU A 306 15.07 4.79 31.53
N ASP A 307 14.57 3.80 32.29
CA ASP A 307 15.43 3.03 33.18
C ASP A 307 16.18 2.01 32.33
N VAL A 308 17.48 1.89 32.54
CA VAL A 308 18.30 0.95 31.82
C VAL A 308 19.29 0.38 32.81
N THR A 309 20.02 -0.65 32.41
CA THR A 309 21.15 -1.15 33.22
C THR A 309 22.44 -0.60 32.66
N TYR A 310 23.05 0.34 33.39
CA TYR A 310 24.31 0.95 32.99
C TYR A 310 25.10 1.44 34.19
N SER A 311 26.36 1.00 34.28
CA SER A 311 27.29 1.43 35.31
C SER A 311 28.57 1.81 34.61
N GLY A 312 28.93 3.08 34.67
CA GLY A 312 29.99 3.57 33.83
C GLY A 312 29.92 5.05 33.64
N ALA A 313 30.91 5.57 32.93
CA ALA A 313 31.09 7.01 32.80
C ALA A 313 29.93 7.60 32.00
N GLU A 314 29.51 8.79 32.37
CA GLU A 314 28.44 9.48 31.63
C GLU A 314 28.96 9.89 30.26
N MET A 315 28.08 9.91 29.28
CA MET A 315 28.41 10.43 27.96
C MET A 315 27.16 10.84 27.23
N GLU A 316 27.32 11.76 26.28
CA GLU A 316 26.25 12.16 25.36
C GLU A 316 26.67 11.71 23.98
N ILE A 317 25.74 11.16 23.21
CA ILE A 317 26.04 10.68 21.87
C ILE A 317 24.75 10.72 21.05
N GLY A 318 24.87 11.08 19.78
CA GLY A 318 23.72 11.22 18.90
C GLY A 318 23.61 10.09 17.90
N PHE A 319 22.38 9.78 17.50
CA PHE A 319 22.14 8.76 16.49
C PHE A 319 21.05 9.14 15.53
N ASN A 320 21.23 8.73 14.30
CA ASN A 320 20.17 8.70 13.31
C ASN A 320 19.08 7.76 13.81
N VAL A 321 17.85 8.27 13.83
CA VAL A 321 16.74 7.53 14.37
C VAL A 321 16.45 6.27 13.58
N SER A 322 16.44 6.39 12.25
CA SER A 322 16.11 5.27 11.37
C SER A 322 17.11 4.12 11.54
N TYR A 323 18.39 4.44 11.68
CA TYR A 323 19.40 3.40 11.87
C TYR A 323 19.13 2.58 13.10
N VAL A 324 18.77 3.23 14.20
CA VAL A 324 18.50 2.49 15.44
C VAL A 324 17.18 1.73 15.38
N LEU A 325 16.14 2.38 14.86
CA LEU A 325 14.86 1.70 14.69
C LEU A 325 15.01 0.47 13.79
N ASP A 326 15.77 0.58 12.70
CA ASP A 326 15.98 -0.54 11.78
C ASP A 326 16.57 -1.73 12.52
N VAL A 327 17.58 -1.45 13.33
CA VAL A 327 18.22 -2.48 14.13
C VAL A 327 17.24 -3.14 15.11
N LEU A 328 16.51 -2.31 15.86
CA LEU A 328 15.56 -2.85 16.86
C LEU A 328 14.48 -3.69 16.18
N ASN A 329 14.07 -3.25 14.99
CA ASN A 329 13.09 -4.01 14.21
C ASN A 329 13.64 -5.31 13.63
N ALA A 330 14.95 -5.37 13.39
CA ALA A 330 15.59 -6.61 12.98
C ALA A 330 15.82 -7.56 14.16
N LEU A 331 16.08 -7.03 15.34
CA LEU A 331 16.38 -7.87 16.50
C LEU A 331 15.14 -8.51 17.08
N LYS A 332 14.02 -7.79 17.05
CA LYS A 332 12.76 -8.30 17.60
C LYS A 332 13.01 -8.93 18.96
N CYS A 333 13.60 -8.14 19.86
CA CYS A 333 14.23 -8.65 21.06
C CYS A 333 13.45 -8.33 22.32
N GLU A 334 13.82 -9.00 23.41
CA GLU A 334 13.31 -8.62 24.72
C GLU A 334 14.14 -7.51 25.32
N ASN A 335 15.46 -7.73 25.38
CA ASN A 335 16.40 -6.71 25.83
C ASN A 335 17.51 -6.60 24.82
N VAL A 336 18.05 -5.38 24.72
CA VAL A 336 19.11 -5.09 23.78
C VAL A 336 20.32 -4.58 24.56
N ARG A 337 21.51 -4.92 24.07
CA ARG A 337 22.75 -4.42 24.62
C ARG A 337 23.36 -3.46 23.62
N MET A 338 23.65 -2.25 24.12
CA MET A 338 24.41 -1.27 23.39
CA MET A 338 24.42 -1.26 23.37
C MET A 338 25.81 -1.20 23.98
N MET A 339 26.82 -1.30 23.13
CA MET A 339 28.21 -1.36 23.59
C MET A 339 28.90 -0.11 23.02
N LEU A 340 29.21 0.83 23.92
CA LEU A 340 29.70 2.17 23.58
C LEU A 340 31.16 2.35 23.95
N THR A 341 31.81 3.27 23.25
CA THR A 341 33.19 3.59 23.49
C THR A 341 33.27 5.04 23.95
N ASP A 342 32.87 5.96 23.09
CA ASP A 342 32.83 7.38 23.43
C ASP A 342 31.87 8.12 22.52
N SER A 343 31.77 9.44 22.71
CA SER A 343 30.80 10.23 21.97
C SER A 343 31.02 10.31 20.46
N VAL A 344 32.22 9.99 19.99
CA VAL A 344 32.55 10.16 18.57
C VAL A 344 32.77 8.84 17.82
N SER A 345 32.52 7.73 18.49
CA SER A 345 32.80 6.40 17.95
C SER A 345 31.54 5.60 17.71
N SER A 346 31.62 4.66 16.77
CA SER A 346 30.48 3.80 16.45
C SER A 346 30.09 2.97 17.67
N VAL A 347 28.81 2.62 17.72
CA VAL A 347 28.26 1.75 18.74
C VAL A 347 28.03 0.34 18.18
N GLN A 348 28.17 -0.68 19.02
CA GLN A 348 27.78 -2.03 18.64
C GLN A 348 26.49 -2.38 19.36
N ILE A 349 25.56 -3.00 18.64
CA ILE A 349 24.25 -3.32 19.19
C ILE A 349 23.95 -4.79 18.95
N GLU A 350 23.47 -5.46 20.00
CA GLU A 350 23.07 -6.88 19.95
C GLU A 350 21.84 -7.14 20.80
N ASP A 351 21.13 -8.22 20.47
CA ASP A 351 20.16 -8.82 21.37
C ASP A 351 20.95 -9.14 22.64
N ALA A 352 20.43 -8.80 23.82
CA ALA A 352 21.15 -9.06 25.06
C ALA A 352 21.32 -10.56 25.29
N ALA A 353 20.45 -11.34 24.66
CA ALA A 353 20.41 -12.79 24.84
C ALA A 353 21.06 -13.60 23.71
N SER A 354 21.62 -12.94 22.70
CA SER A 354 22.24 -13.66 21.59
C SER A 354 23.31 -12.87 20.87
N GLN A 355 24.42 -13.51 20.54
CA GLN A 355 25.54 -12.86 19.88
C GLN A 355 25.60 -13.15 18.37
N SER A 356 24.61 -13.87 17.87
CA SER A 356 24.63 -14.35 16.47
C SER A 356 24.39 -13.24 15.47
N ALA A 357 23.79 -12.13 15.89
CA ALA A 357 23.74 -10.92 15.06
C ALA A 357 24.32 -9.72 15.81
N ALA A 358 25.04 -8.87 15.08
CA ALA A 358 25.61 -7.66 15.64
C ALA A 358 25.48 -6.53 14.64
N TYR A 359 25.31 -5.33 15.15
CA TYR A 359 25.04 -4.15 14.35
C TYR A 359 26.00 -3.07 14.80
N VAL A 360 26.61 -2.39 13.84
CA VAL A 360 27.49 -1.26 14.13
C VAL A 360 26.90 -0.02 13.51
N VAL A 361 26.76 1.05 14.29
CA VAL A 361 26.13 2.27 13.83
C VAL A 361 27.04 3.45 14.16
N MET A 362 27.39 4.24 13.15
CA MET A 362 28.12 5.50 13.35
C MET A 362 27.25 6.48 14.12
N PRO A 363 27.87 7.30 14.98
CA PRO A 363 27.09 8.34 15.61
C PRO A 363 26.75 9.50 14.67
N MET A 364 25.74 10.26 15.05
CA MET A 364 25.33 11.46 14.36
C MET A 364 25.64 12.66 15.23
N ARG A 365 26.22 13.71 14.65
CA ARG A 365 26.47 14.92 15.41
C ARG A 365 25.26 15.85 15.36
N LEU A 366 24.79 16.30 16.53
CA LEU A 366 23.62 17.15 16.65
C LEU A 366 23.88 18.39 17.51
N MET B 1 -5.06 27.34 29.73
CA MET B 1 -5.64 26.08 29.15
C MET B 1 -4.93 24.85 29.68
N LYS B 2 -5.69 23.96 30.30
CA LYS B 2 -5.14 22.74 30.83
C LYS B 2 -6.13 21.63 30.72
N PHE B 3 -5.65 20.45 30.32
CA PHE B 3 -6.48 19.25 30.41
C PHE B 3 -5.61 18.01 30.58
N THR B 4 -6.22 16.97 31.15
CA THR B 4 -5.56 15.68 31.29
C THR B 4 -6.54 14.64 30.80
N VAL B 5 -6.11 13.80 29.86
CA VAL B 5 -7.02 12.88 29.21
C VAL B 5 -6.32 11.55 28.94
N GLU B 6 -7.10 10.48 29.03
CA GLU B 6 -6.61 9.17 28.65
CA GLU B 6 -6.64 9.15 28.64
C GLU B 6 -6.35 9.12 27.14
N ARG B 7 -5.24 8.50 26.74
CA ARG B 7 -4.85 8.46 25.32
C ARG B 7 -6.01 8.11 24.39
N GLU B 8 -6.76 7.08 24.73
CA GLU B 8 -7.77 6.59 23.78
C GLU B 8 -9.00 7.50 23.70
N HIS B 9 -9.27 8.29 24.75
CA HIS B 9 -10.34 9.29 24.67
C HIS B 9 -10.00 10.37 23.62
N LEU B 10 -8.70 10.65 23.47
CA LEU B 10 -8.22 11.69 22.60
C LEU B 10 -7.86 11.21 21.18
N LEU B 11 -7.43 9.96 21.04
CA LEU B 11 -6.79 9.52 19.82
C LEU B 11 -7.66 9.53 18.54
N LYS B 12 -8.83 8.91 18.57
CA LYS B 12 -9.68 8.87 17.35
C LYS B 12 -10.16 10.28 16.98
N PRO B 13 -10.57 11.09 17.98
CA PRO B 13 -10.87 12.50 17.64
C PRO B 13 -9.75 13.21 16.92
N LEU B 14 -8.53 13.11 17.45
CA LEU B 14 -7.37 13.70 16.79
C LEU B 14 -7.17 13.19 15.37
N GLN B 15 -7.35 11.90 15.18
CA GLN B 15 -7.22 11.30 13.86
C GLN B 15 -8.22 11.93 12.90
N GLN B 16 -9.47 12.00 13.37
CA GLN B 16 -10.58 12.50 12.57
C GLN B 16 -10.47 13.97 12.18
N VAL B 17 -10.08 14.82 13.11
CA VAL B 17 -10.03 16.25 12.81
C VAL B 17 -8.82 16.64 11.96
N SER B 18 -7.81 15.79 11.94
CA SER B 18 -6.68 16.01 11.04
C SER B 18 -6.99 15.68 9.56
N GLY B 19 -8.19 15.17 9.29
CA GLY B 19 -8.57 14.72 7.96
C GLY B 19 -8.48 15.73 6.81
N PRO B 20 -9.07 16.93 6.96
CA PRO B 20 -9.01 17.94 5.89
C PRO B 20 -7.62 18.49 5.56
N LEU B 21 -6.64 18.23 6.42
CA LEU B 21 -5.29 18.77 6.26
C LEU B 21 -4.53 18.02 5.18
N GLY B 23 -0.86 17.61 4.39
CA GLY B 23 0.44 17.20 3.87
C GLY B 23 1.47 18.31 3.98
N ARG B 24 1.46 19.21 3.00
CA ARG B 24 2.26 20.43 3.04
C ARG B 24 1.31 21.63 3.06
N PRO B 25 0.91 22.10 4.26
CA PRO B 25 -0.05 23.21 4.35
C PRO B 25 0.48 24.47 3.69
N THR B 26 -0.42 25.23 3.07
CA THR B 26 -0.03 26.43 2.33
C THR B 26 0.55 27.50 3.25
N LEU B 27 -0.07 27.67 4.42
CA LEU B 27 0.41 28.55 5.45
C LEU B 27 0.43 27.79 6.77
N PRO B 28 1.29 28.22 7.70
CA PRO B 28 1.49 27.41 8.90
C PRO B 28 0.23 27.10 9.73
N ILE B 29 -0.68 28.08 9.86
CA ILE B 29 -1.89 27.90 10.68
C ILE B 29 -2.76 26.73 10.17
N LEU B 30 -2.75 26.52 8.86
CA LEU B 30 -3.55 25.47 8.26
C LEU B 30 -3.07 24.04 8.58
N GLY B 31 -1.83 23.94 9.03
CA GLY B 31 -1.27 22.69 9.57
C GLY B 31 -1.55 22.47 11.05
N ASN B 32 -2.23 23.41 11.69
CA ASN B 32 -2.54 23.30 13.12
C ASN B 32 -3.98 22.88 13.38
N LEU B 33 -4.21 22.33 14.58
CA LEU B 33 -5.54 22.12 15.10
C LEU B 33 -5.80 23.18 16.15
N LEU B 34 -7.03 23.67 16.20
CA LEU B 34 -7.50 24.52 17.27
C LEU B 34 -7.96 23.66 18.44
N LEU B 35 -7.39 23.92 19.63
CA LEU B 35 -7.82 23.27 20.87
C LEU B 35 -8.54 24.30 21.73
N GLN B 36 -9.73 23.95 22.22
CA GLN B 36 -10.48 24.81 23.11
C GLN B 36 -11.00 24.00 24.27
N VAL B 37 -10.69 24.44 25.49
CA VAL B 37 -11.31 23.89 26.69
C VAL B 37 -12.36 24.88 27.18
N ALA B 38 -13.61 24.44 27.20
CA ALA B 38 -14.69 25.27 27.70
C ALA B 38 -15.78 24.38 28.25
N ASP B 39 -16.30 24.76 29.40
CA ASP B 39 -17.43 24.07 30.02
C ASP B 39 -17.30 22.54 29.99
N GLY B 40 -16.19 22.01 30.49
CA GLY B 40 -16.02 20.53 30.60
C GLY B 40 -15.78 19.77 29.30
N THR B 41 -15.54 20.50 28.22
CA THR B 41 -15.35 19.90 26.91
C THR B 41 -14.08 20.41 26.26
N LEU B 42 -13.30 19.49 25.73
CA LEU B 42 -12.20 19.83 24.83
C LEU B 42 -12.74 19.73 23.42
N SER B 43 -12.71 20.83 22.68
CA SER B 43 -13.04 20.82 21.25
C SER B 43 -11.74 20.87 20.43
N LEU B 44 -11.71 20.08 19.36
CA LEU B 44 -10.62 20.05 18.42
C LEU B 44 -11.17 20.37 17.04
N THR B 45 -10.49 21.24 16.31
CA THR B 45 -10.95 21.61 14.95
C THR B 45 -9.78 21.62 13.98
N GLY B 46 -9.97 20.99 12.83
CA GLY B 46 -9.04 21.13 11.70
C GLY B 46 -9.77 21.76 10.52
N THR B 47 -9.03 22.53 9.72
CA THR B 47 -9.61 23.15 8.53
C THR B 47 -8.62 23.24 7.37
N ASP B 48 -9.15 23.34 6.16
CA ASP B 48 -8.36 23.67 4.97
C ASP B 48 -8.89 24.91 4.25
N LEU B 49 -9.75 25.66 4.94
CA LEU B 49 -10.48 26.83 4.43
C LEU B 49 -11.70 26.50 3.57
N GLU B 50 -11.80 25.27 3.06
CA GLU B 50 -13.00 24.83 2.33
C GLU B 50 -13.95 24.08 3.26
N MET B 51 -13.36 23.36 4.21
CA MET B 51 -14.15 22.57 5.14
C MET B 51 -13.48 22.53 6.51
N GLU B 52 -14.28 22.18 7.51
CA GLU B 52 -13.85 22.10 8.91
C GLU B 52 -14.36 20.80 9.48
N MET B 53 -13.57 20.17 10.34
CA MET B 53 -14.03 19.04 11.13
C MET B 53 -13.84 19.40 12.59
N VAL B 54 -14.89 19.22 13.40
CA VAL B 54 -14.83 19.52 14.83
C VAL B 54 -15.17 18.28 15.63
N ALA B 55 -14.38 18.01 16.67
CA ALA B 55 -14.63 16.91 17.58
C ALA B 55 -14.77 17.46 18.97
N ARG B 56 -15.74 16.94 19.73
CA ARG B 56 -15.91 17.33 21.12
CA ARG B 56 -15.93 17.32 21.13
C ARG B 56 -15.54 16.12 21.98
N VAL B 57 -14.66 16.36 22.96
CA VAL B 57 -14.16 15.33 23.83
C VAL B 57 -14.52 15.73 25.27
N ALA B 58 -15.33 14.92 25.93
CA ALA B 58 -15.65 15.16 27.35
C ALA B 58 -14.41 14.99 28.23
N LEU B 59 -14.27 15.89 29.19
CA LEU B 59 -13.15 15.87 30.12
C LEU B 59 -13.61 15.48 31.53
N VAL B 60 -13.20 14.29 31.97
CA VAL B 60 -13.62 13.75 33.27
C VAL B 60 -12.59 13.95 34.35
N GLN B 61 -11.44 14.54 33.99
CA GLN B 61 -10.39 14.90 34.93
C GLN B 61 -10.33 16.43 35.04
N PRO B 62 -9.70 16.94 36.11
CA PRO B 62 -9.56 18.39 36.28
C PRO B 62 -8.99 19.09 35.05
N HIS B 63 -9.48 20.31 34.80
CA HIS B 63 -9.13 21.04 33.58
C HIS B 63 -9.30 22.53 33.81
N GLU B 64 -8.71 23.33 32.92
CA GLU B 64 -8.78 24.80 32.99
CA GLU B 64 -8.77 24.78 33.00
C GLU B 64 -9.07 25.33 31.60
N PRO B 65 -9.98 26.30 31.49
CA PRO B 65 -10.38 26.76 30.15
C PRO B 65 -9.32 27.56 29.38
N GLY B 66 -9.49 27.62 28.08
CA GLY B 66 -8.61 28.41 27.22
C GLY B 66 -8.41 27.71 25.90
N ALA B 67 -7.66 28.36 25.02
CA ALA B 67 -7.56 27.89 23.65
C ALA B 67 -6.24 28.27 23.02
N THR B 68 -5.80 27.43 22.09
CA THR B 68 -4.56 27.61 21.36
C THR B 68 -4.61 26.77 20.09
N THR B 69 -3.56 26.84 19.29
CA THR B 69 -3.46 25.98 18.13
C THR B 69 -2.06 25.40 18.10
N VAL B 70 -1.97 24.14 17.72
CA VAL B 70 -0.71 23.42 17.66
C VAL B 70 -0.64 22.53 16.42
N PRO B 71 0.57 22.12 16.02
CA PRO B 71 0.68 21.29 14.81
C PRO B 71 -0.07 19.95 14.93
N ALA B 72 -0.94 19.70 13.95
CA ALA B 72 -1.90 18.61 14.01
C ALA B 72 -1.22 17.26 13.95
N ARG B 73 -0.40 17.08 12.93
CA ARG B 73 0.28 15.81 12.68
C ARG B 73 1.22 15.46 13.85
N LYS B 74 1.98 16.43 14.35
CA LYS B 74 2.90 16.19 15.48
C LYS B 74 2.12 15.77 16.72
N PHE B 75 1.04 16.50 17.02
CA PHE B 75 0.27 16.21 18.23
C PHE B 75 -0.36 14.83 18.11
N PHE B 76 -0.95 14.52 16.96
CA PHE B 76 -1.49 13.19 16.75
C PHE B 76 -0.42 12.10 16.92
N ASP B 77 0.71 12.25 16.24
CA ASP B 77 1.75 11.25 16.30
C ASP B 77 2.27 11.03 17.74
N ILE B 78 2.31 12.10 18.52
CA ILE B 78 2.73 12.00 19.92
C ILE B 78 1.73 11.13 20.67
N CYS B 79 0.47 11.49 20.54
CA CYS B 79 -0.59 10.78 21.28
C CYS B 79 -0.67 9.31 20.85
N ARG B 80 -0.59 9.05 19.56
CA ARG B 80 -0.62 7.68 19.04
C ARG B 80 0.60 6.89 19.51
N GLY B 81 1.74 7.58 19.61
CA GLY B 81 2.99 6.93 19.96
C GLY B 81 3.15 6.59 21.43
N LEU B 82 2.33 7.21 22.29
CA LEU B 82 2.39 6.91 23.73
C LEU B 82 1.74 5.55 24.02
N PRO B 83 2.06 4.97 25.19
CA PRO B 83 1.57 3.63 25.50
C PRO B 83 0.07 3.58 25.66
N GLU B 84 -0.49 2.42 25.35
CA GLU B 84 -1.91 2.20 25.52
C GLU B 84 -2.34 2.53 26.95
N GLY B 85 -3.41 3.31 27.07
CA GLY B 85 -3.95 3.68 28.36
C GLY B 85 -3.24 4.83 29.03
N ALA B 86 -2.20 5.38 28.40
CA ALA B 86 -1.43 6.48 28.98
C ALA B 86 -2.31 7.69 29.31
N GLU B 87 -1.97 8.37 30.41
CA GLU B 87 -2.58 9.63 30.78
C GLU B 87 -1.76 10.75 30.12
N ILE B 88 -2.42 11.65 29.41
CA ILE B 88 -1.75 12.71 28.67
C ILE B 88 -2.15 14.03 29.30
N ALA B 89 -1.17 14.73 29.87
CA ALA B 89 -1.40 15.99 30.53
C ALA B 89 -0.93 17.11 29.59
N VAL B 90 -1.78 18.10 29.39
CA VAL B 90 -1.52 19.15 28.41
C VAL B 90 -1.76 20.51 29.04
N GLN B 91 -0.81 21.43 28.85
CA GLN B 91 -0.95 22.79 29.38
CA GLN B 91 -1.01 22.79 29.33
C GLN B 91 -0.32 23.81 28.44
N LEU B 92 -1.05 24.89 28.21
CA LEU B 92 -0.56 25.98 27.41
C LEU B 92 0.38 26.83 28.27
N GLU B 93 1.58 27.10 27.72
CA GLU B 93 2.60 27.92 28.35
C GLU B 93 3.11 28.94 27.33
N GLY B 94 2.20 29.81 26.89
CA GLY B 94 2.56 30.92 26.03
C GLY B 94 2.89 30.47 24.62
N GLU B 95 4.16 30.64 24.25
CA GLU B 95 4.67 30.27 22.95
C GLU B 95 4.70 28.76 22.73
N ARG B 96 4.58 27.98 23.80
CA ARG B 96 4.57 26.52 23.65
C ARG B 96 3.45 25.86 24.40
N MET B 97 3.10 24.67 23.95
CA MET B 97 2.18 23.80 24.64
C MET B 97 2.95 22.56 25.10
N LEU B 98 2.92 22.32 26.41
CA LEU B 98 3.64 21.22 27.01
C LEU B 98 2.72 20.01 27.16
N VAL B 99 3.18 18.88 26.62
CA VAL B 99 2.49 17.62 26.72
C VAL B 99 3.36 16.68 27.55
N ARG B 100 2.77 16.09 28.58
CA ARG B 100 3.50 15.18 29.49
C ARG B 100 2.74 13.89 29.66
N SER B 101 3.46 12.80 29.62
CA SER B 101 2.88 11.49 29.92
C SER B 101 4.01 10.59 30.43
N GLY B 102 3.82 9.96 31.60
CA GLY B 102 4.92 9.24 32.21
C GLY B 102 6.15 10.13 32.32
N ARG B 103 7.29 9.65 31.82
CA ARG B 103 8.51 10.45 31.72
C ARG B 103 8.81 10.82 30.26
N SER B 104 7.75 11.09 29.51
CA SER B 104 7.84 11.60 28.14
C SER B 104 7.35 13.06 28.19
N ARG B 105 8.11 13.95 27.58
CA ARG B 105 7.79 15.36 27.52
C ARG B 105 7.90 15.86 26.10
N PHE B 106 6.93 16.67 25.69
CA PHE B 106 6.91 17.31 24.35
C PHE B 106 6.51 18.78 24.48
N SER B 107 7.27 19.64 23.80
CA SER B 107 6.96 21.06 23.73
C SER B 107 6.65 21.38 22.29
N LEU B 108 5.39 21.75 22.02
CA LEU B 108 4.91 22.10 20.69
C LEU B 108 4.77 23.61 20.54
N SER B 109 5.10 24.11 19.35
CA SER B 109 4.98 25.54 19.08
C SER B 109 3.51 25.88 18.85
N THR B 110 3.08 27.04 19.31
CA THR B 110 1.68 27.44 19.17
C THR B 110 1.53 28.61 18.21
N LEU B 111 0.32 28.74 17.68
CA LEU B 111 -0.15 29.96 17.02
C LEU B 111 -1.48 30.33 17.69
N PRO B 112 -1.75 31.64 17.82
CA PRO B 112 -2.95 32.09 18.52
C PRO B 112 -4.27 31.52 18.01
N ALA B 113 -5.13 31.14 18.94
CA ALA B 113 -6.48 30.71 18.63
C ALA B 113 -7.20 31.78 17.82
N ALA B 114 -6.92 33.05 18.12
CA ALA B 114 -7.56 34.18 17.43
C ALA B 114 -7.25 34.21 15.95
N ASP B 115 -6.11 33.63 15.54
CA ASP B 115 -5.73 33.57 14.14
C ASP B 115 -6.33 32.37 13.40
N PHE B 116 -6.98 31.44 14.10
CA PHE B 116 -7.48 30.25 13.45
C PHE B 116 -8.68 30.61 12.58
N PRO B 117 -8.65 30.21 11.32
CA PRO B 117 -9.77 30.59 10.46
C PRO B 117 -11.03 29.80 10.80
N ASN B 118 -12.18 30.43 10.61
CA ASN B 118 -13.46 29.79 10.85
C ASN B 118 -14.33 30.09 9.66
N LEU B 119 -15.22 29.16 9.33
CA LEU B 119 -16.18 29.42 8.26
C LEU B 119 -17.14 30.49 8.75
N ASP B 120 -17.63 31.29 7.81
CA ASP B 120 -18.63 32.32 8.12
C ASP B 120 -19.91 31.65 8.62
N ASP B 121 -20.70 32.41 9.37
CA ASP B 121 -22.01 31.92 9.77
C ASP B 121 -22.86 31.71 8.53
N TRP B 122 -23.74 30.73 8.60
CA TRP B 122 -24.65 30.44 7.51
C TRP B 122 -25.91 29.86 8.14
N GLN B 123 -26.99 29.77 7.38
CA GLN B 123 -28.27 29.29 7.89
C GLN B 123 -28.67 28.01 7.17
N SER B 124 -29.20 27.03 7.92
CA SER B 124 -29.66 25.76 7.33
C SER B 124 -31.07 25.88 6.77
N GLU B 125 -31.27 25.45 5.53
CA GLU B 125 -32.57 25.52 4.83
C GLU B 125 -33.24 24.16 4.68
N VAL B 126 -32.46 23.09 4.77
CA VAL B 126 -33.00 21.74 4.75
C VAL B 126 -32.24 20.86 5.74
N GLU B 127 -32.97 19.97 6.41
CA GLU B 127 -32.40 19.09 7.43
C GLU B 127 -33.09 17.74 7.42
N PHE B 128 -32.29 16.70 7.62
CA PHE B 128 -32.79 15.35 7.71
C PHE B 128 -31.78 14.45 8.40
N THR B 129 -32.28 13.32 8.89
CA THR B 129 -31.47 12.27 9.47
C THR B 129 -31.54 11.05 8.55
N LEU B 130 -30.43 10.32 8.44
CA LEU B 130 -30.44 9.04 7.73
C LEU B 130 -29.41 8.10 8.36
N PRO B 131 -29.58 6.78 8.14
CA PRO B 131 -28.59 5.81 8.59
C PRO B 131 -27.21 6.04 7.94
N GLN B 132 -26.15 5.88 8.71
CA GLN B 132 -24.80 5.95 8.18
C GLN B 132 -24.62 5.04 6.95
N ALA B 133 -25.19 3.84 7.02
CA ALA B 133 -25.04 2.87 5.93
C ALA B 133 -25.60 3.40 4.63
N THR B 134 -26.62 4.24 4.71
CA THR B 134 -27.25 4.81 3.52
C THR B 134 -26.34 5.83 2.84
N MET B 135 -25.74 6.70 3.64
CA MET B 135 -24.77 7.66 3.13
C MET B 135 -23.57 6.95 2.51
N LYS B 136 -23.08 5.90 3.16
CA LYS B 136 -21.99 5.10 2.62
C LYS B 136 -22.34 4.52 1.25
N ARG B 137 -23.49 3.88 1.18
CA ARG B 137 -24.03 3.35 -0.07
C ARG B 137 -24.08 4.42 -1.16
N LEU B 138 -24.69 5.56 -0.84
CA LEU B 138 -24.83 6.64 -1.80
C LEU B 138 -23.50 7.14 -2.39
N ILE B 139 -22.50 7.29 -1.53
CA ILE B 139 -21.19 7.82 -1.93
C ILE B 139 -20.40 6.78 -2.72
N GLU B 140 -20.32 5.57 -2.18
CA GLU B 140 -19.56 4.48 -2.84
C GLU B 140 -20.14 4.14 -4.20
N ALA B 141 -21.45 4.36 -4.35
CA ALA B 141 -22.11 4.04 -5.61
C ALA B 141 -21.64 4.94 -6.76
N THR B 142 -21.21 6.16 -6.46
CA THR B 142 -20.91 7.15 -7.49
C THR B 142 -19.51 7.79 -7.47
N GLN B 143 -18.83 7.78 -6.31
CA GLN B 143 -17.55 8.48 -6.15
C GLN B 143 -16.54 8.22 -7.28
N PHE B 144 -16.47 6.98 -7.74
CA PHE B 144 -15.49 6.61 -8.75
C PHE B 144 -15.67 7.34 -10.11
N SER B 145 -16.85 7.91 -10.34
CA SER B 145 -17.15 8.55 -11.62
C SER B 145 -16.88 10.06 -11.59
N MET B 146 -16.42 10.58 -10.45
CA MET B 146 -15.99 11.99 -10.37
C MET B 146 -14.79 12.27 -11.28
N ALA B 147 -14.72 13.48 -11.82
CA ALA B 147 -13.56 13.85 -12.63
C ALA B 147 -12.35 14.07 -11.74
N HIS B 148 -11.18 14.10 -12.38
CA HIS B 148 -9.90 14.29 -11.69
C HIS B 148 -9.22 15.55 -12.22
N GLN B 149 -9.17 16.59 -11.40
CA GLN B 149 -8.49 17.86 -11.74
C GLN B 149 -8.93 18.43 -13.09
N ASP B 150 -10.22 18.29 -13.38
CA ASP B 150 -10.79 18.83 -14.61
C ASP B 150 -10.87 20.34 -14.47
N VAL B 151 -10.74 21.03 -15.60
CA VAL B 151 -10.86 22.49 -15.61
C VAL B 151 -12.32 22.89 -15.41
N ARG B 152 -13.27 22.02 -15.77
CA ARG B 152 -14.65 22.21 -15.37
C ARG B 152 -14.69 21.75 -13.93
N TYR B 153 -14.28 22.67 -13.06
CA TYR B 153 -14.04 22.38 -11.64
CA TYR B 153 -14.04 22.37 -11.65
C TYR B 153 -15.20 21.67 -10.94
N TYR B 154 -16.43 21.99 -11.31
CA TYR B 154 -17.62 21.37 -10.73
C TYR B 154 -17.72 19.84 -10.92
N LEU B 155 -17.09 19.31 -11.98
CA LEU B 155 -17.06 17.85 -12.19
C LEU B 155 -16.13 17.12 -11.22
N ASN B 156 -15.25 17.87 -10.56
CA ASN B 156 -14.37 17.32 -9.54
C ASN B 156 -15.08 17.04 -8.21
N GLY B 157 -16.29 17.58 -8.05
CA GLY B 157 -17.09 17.31 -6.86
C GLY B 157 -18.15 16.28 -7.12
N MET B 158 -19.10 16.16 -6.19
CA MET B 158 -20.20 15.23 -6.28
C MET B 158 -21.52 15.95 -6.03
N LEU B 159 -22.49 15.77 -6.92
CA LEU B 159 -23.81 16.38 -6.70
C LEU B 159 -24.61 15.59 -5.66
N PHE B 160 -25.18 16.32 -4.69
CA PHE B 160 -26.15 15.79 -3.76
C PHE B 160 -27.46 16.50 -4.02
N GLU B 161 -28.52 15.72 -4.16
CA GLU B 161 -29.83 16.23 -4.54
C GLU B 161 -30.86 15.65 -3.59
N THR B 162 -31.69 16.51 -3.02
CA THR B 162 -32.84 16.05 -2.28
C THR B 162 -34.04 16.20 -3.22
N GLU B 163 -34.87 15.17 -3.27
CA GLU B 163 -36.08 15.19 -4.09
C GLU B 163 -37.07 14.11 -3.64
N GLY B 164 -38.28 14.52 -3.32
CA GLY B 164 -39.30 13.58 -2.82
C GLY B 164 -38.95 13.11 -1.43
N GLU B 165 -38.89 11.79 -1.25
CA GLU B 165 -38.40 11.19 -0.02
C GLU B 165 -37.00 10.61 -0.18
N GLU B 166 -36.29 11.05 -1.23
CA GLU B 166 -34.97 10.48 -1.55
C GLU B 166 -33.82 11.45 -1.51
N LEU B 167 -32.67 10.93 -1.13
CA LEU B 167 -31.41 11.61 -1.28
C LEU B 167 -30.69 10.92 -2.42
N ARG B 168 -30.10 11.71 -3.30
CA ARG B 168 -29.40 11.22 -4.50
C ARG B 168 -27.99 11.78 -4.61
N THR B 169 -27.07 10.97 -5.13
CA THR B 169 -25.78 11.48 -5.55
C THR B 169 -25.60 11.27 -7.04
N VAL B 170 -24.89 12.19 -7.66
CA VAL B 170 -24.49 12.11 -9.06
C VAL B 170 -23.03 12.48 -9.22
N ALA B 171 -22.31 11.70 -10.03
CA ALA B 171 -20.92 12.01 -10.34
C ALA B 171 -20.67 11.72 -11.82
N THR B 172 -19.87 12.56 -12.44
CA THR B 172 -19.47 12.38 -13.84
C THR B 172 -18.17 13.10 -14.20
N ASP B 173 -17.45 12.53 -15.17
CA ASP B 173 -16.21 13.10 -15.67
C ASP B 173 -16.31 13.50 -17.15
N GLY B 174 -17.53 13.52 -17.67
CA GLY B 174 -17.77 13.85 -19.08
C GLY B 174 -17.71 12.65 -20.02
N HIS B 175 -17.27 11.50 -19.52
CA HIS B 175 -17.17 10.26 -20.31
C HIS B 175 -18.09 9.16 -19.77
N ARG B 176 -18.23 9.09 -18.47
CA ARG B 176 -19.16 8.19 -17.84
C ARG B 176 -19.81 8.88 -16.68
N LEU B 177 -20.97 8.37 -16.31
CA LEU B 177 -21.79 8.99 -15.27
C LEU B 177 -22.32 7.95 -14.31
N ALA B 178 -22.39 8.33 -13.04
CA ALA B 178 -23.02 7.50 -12.01
C ALA B 178 -24.08 8.31 -11.26
N VAL B 179 -25.22 7.68 -10.99
CA VAL B 179 -26.30 8.32 -10.20
C VAL B 179 -26.95 7.29 -9.28
N CYS B 180 -27.16 7.67 -8.01
CA CYS B 180 -27.74 6.75 -7.05
C CYS B 180 -28.72 7.47 -6.11
N SER B 181 -29.91 6.88 -5.92
CA SER B 181 -30.98 7.44 -5.08
C SER B 181 -31.42 6.43 -4.04
N MET B 182 -31.62 6.90 -2.82
CA MET B 182 -32.03 6.05 -1.71
C MET B 182 -33.13 6.71 -0.89
N PRO B 183 -34.15 5.93 -0.49
CA PRO B 183 -35.22 6.49 0.32
C PRO B 183 -34.77 6.66 1.76
N ILE B 184 -35.20 7.74 2.39
CA ILE B 184 -34.88 7.97 3.79
C ILE B 184 -36.08 8.21 4.70
N GLY B 185 -37.28 8.38 4.14
CA GLY B 185 -38.51 8.48 4.95
C GLY B 185 -39.11 9.86 5.22
N GLN B 186 -38.56 10.92 4.62
CA GLN B 186 -39.09 12.28 4.83
C GLN B 186 -39.18 13.06 3.54
N SER B 187 -40.20 13.91 3.41
CA SER B 187 -40.30 14.82 2.27
C SER B 187 -39.33 15.99 2.43
N LEU B 188 -38.62 16.32 1.36
CA LEU B 188 -37.59 17.33 1.42
C LEU B 188 -37.79 18.36 0.32
N PRO B 189 -37.58 19.64 0.64
CA PRO B 189 -37.55 20.61 -0.46
C PRO B 189 -36.44 20.27 -1.46
N SER B 190 -36.57 20.76 -2.68
CA SER B 190 -35.64 20.41 -3.72
C SER B 190 -34.38 21.27 -3.63
N HIS B 191 -33.25 20.60 -3.39
CA HIS B 191 -31.97 21.27 -3.39
C HIS B 191 -31.02 20.46 -4.24
N SER B 192 -30.05 21.14 -4.83
CA SER B 192 -29.06 20.49 -5.64
C SER B 192 -27.72 21.19 -5.45
N VAL B 193 -26.83 20.53 -4.70
CA VAL B 193 -25.57 21.14 -4.32
C VAL B 193 -24.38 20.27 -4.66
N ILE B 194 -23.28 20.93 -4.98
CA ILE B 194 -22.03 20.26 -5.30
C ILE B 194 -21.15 20.23 -4.05
N VAL B 195 -20.86 19.02 -3.59
CA VAL B 195 -19.91 18.81 -2.48
C VAL B 195 -18.54 18.60 -3.10
N PRO B 196 -17.54 19.36 -2.61
CA PRO B 196 -16.17 19.23 -3.12
C PRO B 196 -15.58 17.85 -2.86
N ARG B 197 -14.62 17.50 -3.71
CA ARG B 197 -13.91 16.22 -3.65
C ARG B 197 -13.50 15.84 -2.24
N LYS B 198 -12.82 16.76 -1.58
CA LYS B 198 -12.32 16.47 -0.24
C LYS B 198 -13.45 16.39 0.77
N GLY B 199 -14.55 17.07 0.51
CA GLY B 199 -15.74 16.92 1.33
C GLY B 199 -16.33 15.53 1.29
N VAL B 200 -16.35 14.94 0.10
CA VAL B 200 -16.91 13.61 -0.05
C VAL B 200 -16.07 12.62 0.76
N ILE B 201 -14.75 12.77 0.65
CA ILE B 201 -13.81 11.95 1.39
C ILE B 201 -14.05 12.07 2.90
N GLU B 202 -14.23 13.30 3.40
CA GLU B 202 -14.50 13.51 4.83
C GLU B 202 -15.83 12.95 5.33
N LEU B 203 -16.89 13.07 4.52
CA LEU B 203 -18.18 12.46 4.85
C LEU B 203 -18.02 10.96 5.01
N MET B 204 -17.28 10.34 4.10
CA MET B 204 -17.01 8.91 4.20
C MET B 204 -16.19 8.54 5.45
N ARG B 205 -15.17 9.33 5.74
CA ARG B 205 -14.30 9.06 6.89
CA ARG B 205 -14.29 9.09 6.89
C ARG B 205 -15.03 9.09 8.23
N MET B 206 -16.08 9.90 8.32
CA MET B 206 -16.76 10.05 9.59
C MET B 206 -17.81 8.96 9.86
N LEU B 207 -18.01 8.06 8.91
CA LEU B 207 -18.93 6.95 9.13
C LEU B 207 -18.21 5.85 9.92
N ASP B 208 -18.57 5.73 11.20
CA ASP B 208 -17.93 4.80 12.14
C ASP B 208 -18.46 3.36 12.05
N GLY B 209 -19.46 3.14 11.19
CA GLY B 209 -20.04 1.81 11.01
C GLY B 209 -20.91 1.34 12.17
N GLY B 210 -21.23 2.24 13.10
CA GLY B 210 -22.16 1.95 14.18
C GLY B 210 -23.57 2.33 13.80
N ASP B 211 -24.43 2.47 14.81
CA ASP B 211 -25.85 2.81 14.59
C ASP B 211 -26.19 4.26 14.99
N ASN B 212 -25.17 5.05 15.34
CA ASN B 212 -25.32 6.51 15.42
C ASN B 212 -25.88 6.98 14.08
N PRO B 213 -27.05 7.64 14.09
CA PRO B 213 -27.52 8.22 12.84
C PRO B 213 -26.72 9.46 12.40
N LEU B 214 -26.81 9.76 11.11
CA LEU B 214 -26.19 10.93 10.52
C LEU B 214 -27.25 12.01 10.39
N ARG B 215 -26.98 13.21 10.92
CA ARG B 215 -27.85 14.37 10.70
C ARG B 215 -27.20 15.34 9.73
N VAL B 216 -27.94 15.71 8.69
CA VAL B 216 -27.43 16.57 7.65
C VAL B 216 -28.21 17.87 7.64
N GLN B 217 -27.48 18.96 7.47
CA GLN B 217 -28.07 20.27 7.27
C GLN B 217 -27.47 20.87 6.01
N ILE B 218 -28.31 21.42 5.15
CA ILE B 218 -27.83 22.07 3.95
C ILE B 218 -28.36 23.50 3.89
N GLY B 219 -27.46 24.43 3.58
CA GLY B 219 -27.80 25.81 3.30
C GLY B 219 -27.52 26.10 1.84
N SER B 220 -27.58 27.38 1.48
CA SER B 220 -27.34 27.80 0.12
C SER B 220 -25.89 27.61 -0.32
N ASN B 221 -24.95 27.71 0.63
CA ASN B 221 -23.53 27.63 0.29
C ASN B 221 -22.71 26.71 1.21
N ASN B 222 -23.38 25.94 2.07
CA ASN B 222 -22.70 25.01 3.00
C ASN B 222 -23.47 23.71 3.20
N ILE B 223 -22.74 22.66 3.57
CA ILE B 223 -23.35 21.42 4.04
C ILE B 223 -22.68 21.09 5.36
N ARG B 224 -23.45 20.53 6.29
CA ARG B 224 -22.95 20.05 7.57
C ARG B 224 -23.49 18.67 7.87
N ALA B 225 -22.63 17.84 8.45
CA ALA B 225 -22.98 16.50 8.86
C ALA B 225 -22.58 16.27 10.31
N HIS B 226 -23.50 15.71 11.10
CA HIS B 226 -23.23 15.43 12.51
CA HIS B 226 -23.29 15.42 12.53
C HIS B 226 -23.32 13.92 12.74
N VAL B 227 -22.24 13.34 13.27
CA VAL B 227 -22.23 11.93 13.65
C VAL B 227 -21.58 11.83 15.00
N GLY B 228 -22.26 11.22 15.97
CA GLY B 228 -21.71 11.11 17.31
C GLY B 228 -21.22 12.46 17.77
N ASP B 229 -19.96 12.53 18.16
CA ASP B 229 -19.41 13.75 18.74
C ASP B 229 -18.55 14.51 17.74
N PHE B 230 -18.87 14.37 16.46
CA PHE B 230 -18.16 15.05 15.38
C PHE B 230 -19.11 15.88 14.55
N ILE B 231 -18.65 17.04 14.12
CA ILE B 231 -19.41 17.90 13.23
C ILE B 231 -18.50 18.30 12.07
N PHE B 232 -18.93 17.95 10.86
CA PHE B 232 -18.21 18.27 9.65
C PHE B 232 -18.96 19.34 8.88
N THR B 233 -18.27 20.39 8.43
CA THR B 233 -18.92 21.45 7.65
C THR B 233 -18.09 21.75 6.40
N SER B 234 -18.73 21.81 5.24
CA SER B 234 -18.03 22.18 4.03
C SER B 234 -18.73 23.31 3.30
N LYS B 235 -17.95 24.16 2.68
CA LYS B 235 -18.51 25.01 1.65
C LYS B 235 -18.93 24.15 0.46
N LEU B 236 -19.97 24.58 -0.23
CA LEU B 236 -20.42 23.94 -1.46
C LEU B 236 -19.71 24.58 -2.65
N VAL B 237 -19.58 23.82 -3.74
CA VAL B 237 -18.93 24.32 -4.96
C VAL B 237 -19.95 25.08 -5.80
N ASP B 238 -19.60 26.30 -6.18
CA ASP B 238 -20.46 27.18 -6.97
C ASP B 238 -20.16 26.90 -8.42
N GLY B 239 -21.08 26.19 -9.08
CA GLY B 239 -20.93 25.86 -10.49
C GLY B 239 -22.20 25.28 -11.08
N ARG B 240 -22.17 25.01 -12.38
CA ARG B 240 -23.33 24.46 -13.09
C ARG B 240 -23.10 22.98 -13.43
N PHE B 241 -23.53 22.11 -12.53
CA PHE B 241 -23.37 20.66 -12.70
C PHE B 241 -24.32 20.10 -13.78
N PRO B 242 -23.80 19.22 -14.67
CA PRO B 242 -24.65 18.62 -15.71
C PRO B 242 -25.87 17.90 -15.15
N ASP B 243 -26.98 17.98 -15.87
CA ASP B 243 -28.23 17.32 -15.48
C ASP B 243 -28.20 15.87 -15.97
N TYR B 244 -28.29 14.92 -15.04
CA TYR B 244 -28.19 13.49 -15.38
C TYR B 244 -29.38 12.98 -16.18
N ARG B 245 -30.53 13.61 -16.00
CA ARG B 245 -31.76 13.20 -16.68
C ARG B 245 -31.63 13.27 -18.21
N ARG B 246 -30.73 14.14 -18.68
CA ARG B 246 -30.51 14.34 -20.12
C ARG B 246 -29.40 13.43 -20.65
N VAL B 247 -28.75 12.68 -19.76
CA VAL B 247 -27.67 11.74 -20.11
C VAL B 247 -28.21 10.30 -20.23
N LEU B 248 -29.25 9.96 -19.48
CA LEU B 248 -29.85 8.62 -19.54
C LEU B 248 -30.37 8.35 -20.94
N PRO B 249 -29.95 7.24 -21.58
CA PRO B 249 -30.41 7.01 -22.96
C PRO B 249 -31.94 6.99 -23.11
N LYS B 250 -32.44 7.63 -24.17
CA LYS B 250 -33.88 7.78 -24.40
C LYS B 250 -34.66 6.47 -24.46
N ASN B 251 -34.46 5.66 -25.50
CA ASN B 251 -35.28 4.45 -25.64
C ASN B 251 -34.43 3.20 -25.79
N PRO B 252 -33.72 2.84 -24.72
CA PRO B 252 -32.90 1.63 -24.84
C PRO B 252 -33.81 0.42 -25.04
N ASP B 253 -33.93 -0.03 -26.28
CA ASP B 253 -34.87 -1.11 -26.61
C ASP B 253 -34.32 -2.49 -26.24
N LYS B 254 -33.00 -2.60 -26.15
CA LYS B 254 -32.34 -3.90 -26.04
C LYS B 254 -31.83 -4.11 -24.62
N HIS B 255 -32.37 -5.12 -23.95
CA HIS B 255 -32.06 -5.40 -22.56
C HIS B 255 -31.36 -6.75 -22.43
N LEU B 256 -30.16 -6.73 -21.86
CA LEU B 256 -29.39 -7.92 -21.60
C LEU B 256 -29.21 -8.06 -20.08
N GLU B 257 -29.38 -9.28 -19.57
CA GLU B 257 -29.06 -9.59 -18.18
C GLU B 257 -28.01 -10.68 -18.11
N ALA B 258 -27.08 -10.52 -17.17
CA ALA B 258 -26.00 -11.46 -17.00
C ALA B 258 -25.56 -11.46 -15.56
N GLY B 259 -24.99 -12.58 -15.14
CA GLY B 259 -24.38 -12.67 -13.82
C GLY B 259 -23.24 -11.66 -13.68
N CYS B 260 -23.26 -10.89 -12.60
CA CYS B 260 -22.31 -9.81 -12.41
C CYS B 260 -20.89 -10.32 -12.38
N ASP B 261 -20.64 -11.35 -11.58
CA ASP B 261 -19.28 -11.83 -11.42
C ASP B 261 -18.72 -12.50 -12.67
N LEU B 262 -19.50 -13.33 -13.35
CA LEU B 262 -19.04 -13.92 -14.60
C LEU B 262 -18.73 -12.82 -15.60
N LEU B 263 -19.59 -11.81 -15.67
CA LEU B 263 -19.34 -10.70 -16.57
C LEU B 263 -18.04 -9.96 -16.20
N LYS B 264 -17.91 -9.64 -14.92
CA LYS B 264 -16.72 -8.95 -14.45
C LYS B 264 -15.44 -9.72 -14.76
N GLN B 265 -15.43 -11.01 -14.44
CA GLN B 265 -14.22 -11.80 -14.63
C GLN B 265 -13.89 -11.97 -16.13
N ALA B 266 -14.93 -12.04 -16.97
CA ALA B 266 -14.70 -12.12 -18.41
C ALA B 266 -14.08 -10.82 -18.92
N PHE B 267 -14.63 -9.68 -18.52
CA PHE B 267 -14.06 -8.39 -18.88
C PHE B 267 -12.62 -8.22 -18.37
N ALA B 268 -12.38 -8.71 -17.17
CA ALA B 268 -11.11 -8.57 -16.52
C ALA B 268 -10.03 -9.34 -17.29
N ARG B 269 -10.37 -10.54 -17.75
CA ARG B 269 -9.41 -11.33 -18.51
C ARG B 269 -9.20 -10.71 -19.91
N ALA B 270 -10.28 -10.29 -20.56
CA ALA B 270 -10.17 -9.72 -21.89
C ALA B 270 -9.33 -8.45 -21.87
N ALA B 271 -9.47 -7.65 -20.80
CA ALA B 271 -8.76 -6.40 -20.63
C ALA B 271 -7.25 -6.57 -20.73
N ILE B 272 -6.76 -7.72 -20.29
CA ILE B 272 -5.33 -8.03 -20.35
C ILE B 272 -4.74 -7.81 -21.75
N LEU B 273 -5.52 -8.12 -22.78
CA LEU B 273 -5.05 -8.02 -24.15
C LEU B 273 -5.69 -6.83 -24.90
N SER B 274 -6.19 -5.85 -24.14
CA SER B 274 -6.69 -4.61 -24.72
C SER B 274 -5.59 -3.58 -24.81
N ASN B 275 -5.82 -2.58 -25.65
CA ASN B 275 -4.89 -1.47 -25.80
C ASN B 275 -4.63 -0.84 -24.43
N GLU B 276 -3.36 -0.68 -24.08
CA GLU B 276 -2.99 -0.23 -22.74
C GLU B 276 -3.45 1.18 -22.44
N LYS B 277 -3.56 2.01 -23.47
CA LYS B 277 -4.03 3.37 -23.31
C LYS B 277 -5.53 3.52 -23.53
N PHE B 278 -6.03 2.95 -24.61
CA PHE B 278 -7.43 3.16 -25.01
C PHE B 278 -8.42 2.15 -24.42
N ARG B 279 -7.93 0.96 -24.07
CA ARG B 279 -8.65 -0.03 -23.26
C ARG B 279 -9.94 -0.55 -23.89
N GLY B 280 -10.00 -0.51 -25.21
CA GLY B 280 -11.21 -0.88 -25.93
C GLY B 280 -11.47 -2.37 -25.99
N VAL B 281 -12.69 -2.76 -25.67
CA VAL B 281 -13.15 -4.13 -25.91
C VAL B 281 -14.43 -4.06 -26.74
N ARG B 282 -14.70 -5.15 -27.44
CA ARG B 282 -15.87 -5.28 -28.27
C ARG B 282 -16.84 -6.26 -27.66
N LEU B 283 -18.11 -5.88 -27.67
CA LEU B 283 -19.20 -6.74 -27.21
C LEU B 283 -20.02 -7.11 -28.42
N TYR B 284 -20.23 -8.41 -28.64
CA TYR B 284 -21.23 -8.86 -29.62
C TYR B 284 -22.38 -9.53 -28.91
N VAL B 285 -23.56 -8.95 -29.07
CA VAL B 285 -24.76 -9.39 -28.41
C VAL B 285 -25.60 -10.20 -29.39
N SER B 286 -25.92 -11.42 -28.99
CA SER B 286 -26.79 -12.31 -29.78
C SER B 286 -27.74 -13.08 -28.85
N GLU B 287 -28.63 -13.88 -29.42
CA GLU B 287 -29.64 -14.53 -28.59
C GLU B 287 -29.01 -15.33 -27.44
N ASN B 288 -29.33 -14.93 -26.22
CA ASN B 288 -28.79 -15.48 -24.98
C ASN B 288 -27.27 -15.67 -24.95
N GLN B 289 -26.54 -14.81 -25.62
CA GLN B 289 -25.09 -14.91 -25.63
C GLN B 289 -24.41 -13.55 -25.73
N LEU B 290 -23.32 -13.43 -25.00
CA LEU B 290 -22.41 -12.30 -25.17
C LEU B 290 -21.02 -12.81 -25.52
N LYS B 291 -20.40 -12.19 -26.52
CA LYS B 291 -19.01 -12.44 -26.81
C LYS B 291 -18.23 -11.15 -26.60
N ILE B 292 -17.14 -11.25 -25.85
CA ILE B 292 -16.32 -10.10 -25.52
C ILE B 292 -14.98 -10.37 -26.17
N THR B 293 -14.49 -9.42 -26.97
CA THR B 293 -13.17 -9.55 -27.58
CA THR B 293 -13.19 -9.53 -27.63
C THR B 293 -12.30 -8.33 -27.30
N ALA B 294 -11.01 -8.58 -27.19
CA ALA B 294 -10.03 -7.52 -27.03
C ALA B 294 -8.89 -7.81 -27.96
N ASN B 295 -8.34 -6.78 -28.57
CA ASN B 295 -7.01 -6.93 -29.16
C ASN B 295 -6.18 -5.67 -28.99
N ASN B 296 -4.89 -5.82 -29.21
CA ASN B 296 -3.93 -4.76 -28.93
C ASN B 296 -3.02 -4.53 -30.12
N PRO B 297 -2.09 -3.57 -30.02
CA PRO B 297 -1.20 -3.34 -31.15
C PRO B 297 -0.19 -4.46 -31.41
N GLU B 298 0.00 -5.38 -30.45
CA GLU B 298 0.84 -6.57 -30.65
C GLU B 298 0.09 -7.68 -31.38
N GLN B 299 -1.13 -7.41 -31.84
CA GLN B 299 -1.97 -8.37 -32.56
C GLN B 299 -2.39 -9.57 -31.70
N GLU B 300 -2.29 -9.42 -30.39
CA GLU B 300 -2.76 -10.41 -29.46
C GLU B 300 -4.27 -10.22 -29.35
N GLU B 301 -4.97 -11.29 -28.96
CA GLU B 301 -6.43 -11.31 -28.96
CA GLU B 301 -6.42 -11.28 -28.93
C GLU B 301 -6.95 -12.16 -27.82
N ALA B 302 -7.93 -11.62 -27.10
CA ALA B 302 -8.70 -12.39 -26.11
C ALA B 302 -10.13 -12.54 -26.61
N GLU B 303 -10.76 -13.66 -26.31
CA GLU B 303 -12.19 -13.84 -26.59
C GLU B 303 -12.83 -14.56 -25.41
N GLU B 304 -13.98 -14.07 -24.97
CA GLU B 304 -14.76 -14.65 -23.89
C GLU B 304 -16.17 -14.85 -24.39
N ILE B 305 -16.72 -16.04 -24.20
CA ILE B 305 -18.13 -16.27 -24.52
C ILE B 305 -18.88 -16.53 -23.22
N LEU B 306 -20.04 -15.89 -23.06
CA LEU B 306 -20.87 -16.04 -21.87
C LEU B 306 -22.32 -16.30 -22.26
N ASP B 307 -23.01 -17.12 -21.46
CA ASP B 307 -24.46 -17.23 -21.55
C ASP B 307 -25.09 -16.03 -20.82
N VAL B 308 -26.03 -15.36 -21.47
CA VAL B 308 -26.74 -14.24 -20.86
C VAL B 308 -28.22 -14.43 -21.20
N THR B 309 -29.07 -13.55 -20.70
CA THR B 309 -30.46 -13.52 -21.12
C THR B 309 -30.61 -12.37 -22.07
N TYR B 310 -30.85 -12.66 -23.34
CA TYR B 310 -31.06 -11.63 -24.32
C TYR B 310 -31.92 -12.14 -25.48
N SER B 311 -32.94 -11.34 -25.84
CA SER B 311 -33.82 -11.62 -26.97
C SER B 311 -33.93 -10.42 -27.88
N GLY B 312 -33.71 -10.60 -29.17
CA GLY B 312 -33.91 -9.51 -30.13
C GLY B 312 -32.67 -9.30 -30.96
N ALA B 313 -32.61 -8.16 -31.63
CA ALA B 313 -31.66 -7.92 -32.71
C ALA B 313 -30.22 -7.96 -32.23
N GLU B 314 -29.37 -8.59 -33.05
CA GLU B 314 -27.95 -8.65 -32.75
C GLU B 314 -27.34 -7.26 -32.87
N MET B 315 -26.30 -7.01 -32.10
CA MET B 315 -25.54 -5.78 -32.27
C MET B 315 -24.14 -5.93 -31.71
N GLU B 316 -23.27 -5.02 -32.14
CA GLU B 316 -21.88 -4.97 -31.74
C GLU B 316 -21.62 -3.56 -31.22
N ILE B 317 -20.80 -3.43 -30.18
CA ILE B 317 -20.56 -2.14 -29.58
C ILE B 317 -19.25 -2.20 -28.81
N GLY B 318 -18.48 -1.11 -28.86
CA GLY B 318 -17.19 -1.03 -28.15
C GLY B 318 -17.27 -0.19 -26.89
N PHE B 319 -16.52 -0.60 -25.87
CA PHE B 319 -16.39 0.17 -24.63
C PHE B 319 -14.98 0.17 -24.07
N ASN B 320 -14.66 1.24 -23.35
CA ASN B 320 -13.51 1.27 -22.45
C ASN B 320 -13.75 0.29 -21.32
N VAL B 321 -12.94 -0.77 -21.30
CA VAL B 321 -13.16 -1.86 -20.35
C VAL B 321 -12.97 -1.41 -18.89
N SER B 322 -12.11 -0.43 -18.65
CA SER B 322 -11.92 0.09 -17.30
C SER B 322 -13.20 0.73 -16.77
N TYR B 323 -13.89 1.48 -17.64
CA TYR B 323 -15.14 2.11 -17.25
C TYR B 323 -16.19 1.06 -16.92
N VAL B 324 -16.27 0.03 -17.75
CA VAL B 324 -17.18 -1.09 -17.48
C VAL B 324 -16.84 -1.85 -16.19
N LEU B 325 -15.57 -2.15 -15.97
CA LEU B 325 -15.18 -2.82 -14.74
C LEU B 325 -15.46 -1.96 -13.51
N ASP B 326 -15.26 -0.65 -13.62
CA ASP B 326 -15.58 0.24 -12.50
C ASP B 326 -17.03 0.09 -12.11
N VAL B 327 -17.92 0.04 -13.11
CA VAL B 327 -19.35 -0.09 -12.85
C VAL B 327 -19.67 -1.41 -12.15
N LEU B 328 -19.10 -2.50 -12.65
CA LEU B 328 -19.41 -3.84 -12.12
C LEU B 328 -18.89 -3.99 -10.71
N ASN B 329 -17.73 -3.40 -10.44
CA ASN B 329 -17.19 -3.36 -9.10
C ASN B 329 -18.04 -2.53 -8.13
N ALA B 330 -18.65 -1.44 -8.62
CA ALA B 330 -19.52 -0.62 -7.78
C ALA B 330 -20.90 -1.26 -7.53
N LEU B 331 -21.34 -2.12 -8.45
CA LEU B 331 -22.66 -2.78 -8.34
C LEU B 331 -22.66 -3.94 -7.33
N LYS B 332 -21.61 -4.75 -7.32
CA LYS B 332 -21.43 -5.80 -6.30
C LYS B 332 -22.69 -6.63 -6.07
N CYS B 333 -23.34 -7.09 -7.13
CA CYS B 333 -24.62 -7.76 -6.96
C CYS B 333 -24.63 -9.06 -7.72
N GLU B 334 -25.79 -9.72 -7.75
CA GLU B 334 -25.89 -11.03 -8.36
CA GLU B 334 -25.89 -11.05 -8.37
C GLU B 334 -25.98 -10.91 -9.88
N ASN B 335 -26.95 -10.13 -10.35
CA ASN B 335 -27.15 -9.98 -11.79
C ASN B 335 -27.24 -8.52 -12.19
N VAL B 336 -26.76 -8.25 -13.40
CA VAL B 336 -26.72 -6.90 -13.93
CA VAL B 336 -26.69 -6.91 -13.94
C VAL B 336 -27.57 -6.82 -15.19
N ARG B 337 -28.13 -5.64 -15.45
CA ARG B 337 -28.90 -5.36 -16.66
C ARG B 337 -28.19 -4.29 -17.46
N MET B 338 -27.89 -4.61 -18.70
CA MET B 338 -27.36 -3.63 -19.63
C MET B 338 -28.50 -3.28 -20.58
N MET B 339 -28.76 -1.98 -20.68
CA MET B 339 -29.82 -1.44 -21.52
C MET B 339 -29.15 -0.74 -22.71
N LEU B 340 -29.31 -1.33 -23.89
CA LEU B 340 -28.57 -0.95 -25.09
C LEU B 340 -29.50 -0.39 -26.15
N THR B 341 -28.95 0.41 -27.06
CA THR B 341 -29.72 0.96 -28.17
C THR B 341 -29.06 0.53 -29.49
N ASP B 342 -27.84 1.01 -29.74
CA ASP B 342 -27.07 0.68 -30.93
C ASP B 342 -25.58 0.97 -30.71
N SER B 343 -24.76 0.79 -31.75
CA SER B 343 -23.30 0.87 -31.57
C SER B 343 -22.78 2.28 -31.33
N VAL B 344 -23.61 3.29 -31.59
CA VAL B 344 -23.18 4.67 -31.46
C VAL B 344 -23.81 5.37 -30.25
N SER B 345 -24.53 4.63 -29.42
CA SER B 345 -25.25 5.20 -28.29
C SER B 345 -24.74 4.65 -26.97
N SER B 346 -24.93 5.41 -25.92
CA SER B 346 -24.47 5.01 -24.61
CA SER B 346 -24.49 5.02 -24.59
C SER B 346 -25.25 3.78 -24.12
N VAL B 347 -24.68 3.10 -23.15
CA VAL B 347 -25.32 1.98 -22.48
C VAL B 347 -25.67 2.47 -21.07
N GLN B 348 -26.80 2.00 -20.56
CA GLN B 348 -27.19 2.19 -19.17
C GLN B 348 -27.08 0.86 -18.45
N ILE B 349 -26.38 0.86 -17.32
CA ILE B 349 -26.15 -0.37 -16.58
C ILE B 349 -26.73 -0.22 -15.18
N GLU B 350 -27.43 -1.25 -14.72
CA GLU B 350 -28.05 -1.27 -13.40
C GLU B 350 -27.97 -2.67 -12.81
N ASP B 351 -28.05 -2.76 -11.49
CA ASP B 351 -28.35 -4.02 -10.83
C ASP B 351 -29.70 -4.46 -11.40
N ALA B 352 -29.79 -5.73 -11.83
CA ALA B 352 -31.02 -6.23 -12.45
C ALA B 352 -32.17 -6.18 -11.46
N ALA B 353 -31.83 -6.24 -10.17
CA ALA B 353 -32.81 -6.27 -9.10
C ALA B 353 -33.10 -4.92 -8.47
N SER B 354 -32.50 -3.84 -8.95
CA SER B 354 -32.77 -2.51 -8.37
C SER B 354 -32.44 -1.37 -9.29
N GLN B 355 -33.35 -0.41 -9.37
CA GLN B 355 -33.17 0.82 -10.16
C GLN B 355 -32.52 1.95 -9.34
N SER B 356 -32.06 1.66 -8.13
CA SER B 356 -31.53 2.69 -7.22
C SER B 356 -30.23 3.34 -7.71
N ALA B 357 -29.38 2.57 -8.39
CA ALA B 357 -28.17 3.12 -9.03
C ALA B 357 -28.20 2.86 -10.53
N ALA B 358 -27.83 3.86 -11.31
CA ALA B 358 -27.71 3.69 -12.76
C ALA B 358 -26.38 4.24 -13.22
N TYR B 359 -25.81 3.59 -14.23
CA TYR B 359 -24.52 3.99 -14.77
C TYR B 359 -24.63 4.18 -16.26
N VAL B 360 -24.07 5.26 -16.78
CA VAL B 360 -24.08 5.52 -18.21
C VAL B 360 -22.66 5.59 -18.71
N VAL B 361 -22.36 4.74 -19.70
CA VAL B 361 -21.04 4.71 -20.29
C VAL B 361 -21.19 4.95 -21.77
N MET B 362 -20.38 5.84 -22.31
CA MET B 362 -20.41 6.16 -23.74
CA MET B 362 -20.45 6.13 -23.73
C MET B 362 -19.68 5.08 -24.51
N PRO B 363 -20.07 4.83 -25.77
CA PRO B 363 -19.36 3.83 -26.52
C PRO B 363 -18.09 4.38 -27.15
N MET B 364 -17.25 3.47 -27.61
CA MET B 364 -16.01 3.75 -28.33
C MET B 364 -16.14 3.17 -29.71
N ARG B 365 -15.63 3.91 -30.70
CA ARG B 365 -15.46 3.35 -32.03
C ARG B 365 -14.10 2.64 -32.00
N LEU B 366 -14.09 1.35 -32.30
CA LEU B 366 -12.85 0.58 -32.24
C LEU B 366 -12.19 0.49 -33.63
C4 27R C . 30.98 1.09 9.08
C5 27R C . 30.78 0.41 7.90
C6 27R C . 31.82 0.23 7.02
C7 27R C . 33.96 0.69 4.82
C8 27R C . 32.83 1.30 4.30
C10 27R C . 33.50 0.88 2.02
C13 27R C . 36.53 0.75 0.79
O2 27R C . 36.38 1.92 1.03
O1 27R C . 37.56 0.38 0.03
C12 27R C . 35.59 -0.29 1.33
C11 27R C . 34.67 0.26 2.41
C9 27R C . 32.60 1.40 2.94
C14 27R C . 34.95 0.13 3.88
N 27R C . 36.08 -0.48 4.34
C 27R C . 34.19 0.57 6.31
O 27R C . 35.28 0.25 6.75
C1 27R C . 33.07 0.77 7.29
BR 27R C . 29.55 1.29 10.26
C3 27R C . 32.24 1.63 9.39
C2 27R C . 33.28 1.46 8.49
C1 PGE D . 23.72 -24.23 -16.13
O1 PGE D . 22.36 -24.56 -15.86
C2 PGE D . 24.64 -25.21 -15.40
O2 PGE D . 25.37 -24.55 -14.36
C3 PGE D . 26.18 -25.48 -13.63
C4 PGE D . 26.54 -24.88 -12.28
O4 PGE D . 27.37 -28.99 -12.75
C6 PGE D . 26.75 -28.23 -11.71
C5 PGE D . 27.49 -26.92 -11.49
O3 PGE D . 26.55 -25.87 -11.27
CA CA E . 28.13 -12.96 14.25
CA CA F . 14.09 -13.76 -12.75
CL CL G . -9.91 -16.01 -30.54
C1 EDO H . -12.97 -20.73 -33.27
O1 EDO H . -11.91 -19.85 -33.59
C2 EDO H . -12.73 -21.33 -31.90
O2 EDO H . -13.89 -21.98 -31.40
C1 PGE I . -3.18 1.77 19.19
O1 PGE I . -4.04 1.40 18.11
C2 PGE I . -2.73 0.57 20.00
O2 PGE I . -1.87 0.95 21.09
C3 PGE I . -0.63 1.47 20.66
C4 PGE I . 0.36 1.79 21.76
O4 PGE I . 2.98 2.06 17.98
C6 PGE I . 3.10 2.53 19.34
C5 PGE I . 2.18 1.69 20.22
O3 PGE I . 1.47 2.50 21.16
CA CA J . -31.78 6.73 -9.34
O1 PG4 K . 10.06 15.99 34.46
C1 PG4 K . 10.88 16.89 35.22
C2 PG4 K . 10.66 18.31 34.76
O2 PG4 K . 11.62 18.63 33.77
C3 PG4 K . 11.69 20.02 33.49
C4 PG4 K . 12.73 20.26 32.41
O3 PG4 K . 12.45 19.41 31.28
C5 PG4 K . 13.21 19.77 30.12
C6 PG4 K . 12.91 18.82 28.98
O4 PG4 K . 11.66 19.18 28.40
C7 PG4 K . 11.43 18.71 27.07
C8 PG4 K . 10.24 19.49 26.53
O5 PG4 K . 10.57 20.90 26.55
CL CL L . -21.82 9.74 -19.74
#